data_8XSF
#
_entry.id   8XSF
#
_cell.length_a   1.00
_cell.length_b   1.00
_cell.length_c   1.00
_cell.angle_alpha   90.00
_cell.angle_beta   90.00
_cell.angle_gamma   90.00
#
_symmetry.space_group_name_H-M   'P 1'
#
loop_
_entity.id
_entity.type
_entity.pdbx_description
1 polymer 'Angiotensin-converting enzyme 2'
2 polymer 'Spike protein S1'
3 polymer 'IMCAS-364 H chain'
4 polymer 'IMCAS-364 L chain'
5 non-polymer 2-acetamido-2-deoxy-beta-D-glucopyranose
6 non-polymer 'ZINC ION'
#
loop_
_entity_poly.entity_id
_entity_poly.type
_entity_poly.pdbx_seq_one_letter_code
_entity_poly.pdbx_strand_id
1 'polypeptide(L)'
;MSSSSWLLLSLVAVTAAQSTIEEQAKTFLDKFNHEAEDLFYQSSLASWNYNTNITEENVQNMNNAGDKWSAFLKEQSTLA
QMYPLQEIQNLTVKLQLQALQQNGSSVLSEDKSKRLNTILNTMSTIYSTGKVCNPDNPQECLLLEPGLNEIMANSLDYNE
RLWAWESWRSEVGKQLRPLYEEYVVLKNEMARANHYEDYGDYWRGDYEVNGVDGYDYSRGQLIEDVEHTFEEIKPLYEHL
HAYVRAKLMNAYPSYISPIGCLPAHLLGDMWGRFWTNLYSLTVPFGQKPNIDVTDAMVDQAWDAQRIFKEAEKFFVSVGL
PNMTQGFWENSMLTDPGNVQKAVCHPTAWDLGKGDFRILMCTKVTMDDFLTAHHEMGHIQYDMAYAAQPFLLRNGANEGF
HEAVGEIMSLSAATPKHLKSIGLLSPDFQEDNETEINFLLKQALTIVGTLPFTYMLEKWRWMVFKGEIPKDQWMKKWWEM
KREIVGVVEPVPHDETYCDPASLFHVSNDYSFIRYYTRTLYQFQFQEALCQAAKHEGPLHKCDISNSTEAGQKLFNMLRL
GKSEPWTLALENVVGAKNMNVRPLLNYFEPLFTWLKDQNKNSFVGWSTDWSPYADQSIKVRISLKSALGDKAYEWNDNEM
YLFRSSVAYAMRQYFLKVKNQMILFGEEDVRVANLKPRISFNFFVTAPKNVSDIIPRTEVEKAIRMSRSRINDAFRLNDN
SLEFLGIQPTLGPPNQPPVSIWLIVFGVVMGVIVVGIVILIFTGIRDRKKKNKARSGENPYASIDISKGENNPGFQNTDD
VQTSF
;
A
2 'polypeptide(L)'
;RVQPTESIVRFPNITNLCPFGEVFNATRFASVYAWNRKRISNCVADYSVLYNSASFSTFKCYGVSPTKLNDLCFTNVYAD
SFVIRGDEVRQIAPGQTGKIADYNYKLPDDFTGCVIAWNSNNLDSKVGGNYNYLYRLFRKSNLKPFERDISTEIYQAGST
PCNGVEGFNCYFPLQSYGFQPTNGVGYQPYRVVVLSFELLHAPATVCGP
;
B
3 'polypeptide(L)'
;QVQLQESGGGVVQPGRSLRLSCAASGFTFSRYGMHWVRQAPGKGLEWVAVIWYDGSNKYYADSVKGRFTISRDNSKNTLY
LQMNSLRADDTAVYYCAKQEGTYCSGGSCYSGLDYWGQGTLVTVSSASTKGPSVFPLAPSSKSTSGGTAALGCLVKDYFP
EPVTVSWNSGALTSGVHTFPAVLQSSGLYSLSSVVTVPSSSLGTQTYICNVNHKPSNTKVDKRVEPKSCDKTHTCPPCPA
PELLGGPSVFLFPPKPKGHLMISRTPEVTCVVVDVSHEDPEVKFNWYVDGVEVHNAKTKPREEQYNSTYRVVSVLTVLHQ
DWLNGKEYKCKVSNKALPAPIEKTISKAKGQPREPQVYTLPPSRDELTKNQVSLTCLVKGFYPSDIAVEWESNGQPENNY
KTTPPVLDSDGSFFLYSKLTVDKSRWQQGNVFSCSVMHEALHNHYTQKSLSLSPGK
;
H
4 'polypeptide(L)'
;DIQMTQSPSSLSASVGDRVTITCRASQSISSYLNWYQQKPGKAPKLLIYAASSLQSGVPSRFSGSGSGTDFTLTISSLQP
EDFATYYCQQSYSTPLTFGGGIKVDIKRTVAAPSVFIFPPSDEQLKSGTASVVCLLNNFYPREAKVQWKVDNALQSGNSQ
ESVTEQDSKDSTYSLSSTLTLSKADYEKHKVYACEVTHQGLSSPVTKSFNRGECS
;
L
#
# COMPACT_ATOMS: atom_id res chain seq x y z
N SER A 19 22.26 -5.79 3.71
CA SER A 19 20.97 -6.44 3.89
C SER A 19 21.06 -7.93 3.63
N THR A 20 20.54 -8.73 4.55
CA THR A 20 20.61 -10.18 4.46
C THR A 20 19.74 -10.69 3.32
N ILE A 21 20.05 -11.91 2.87
CA ILE A 21 19.34 -12.51 1.74
C ILE A 21 17.85 -12.65 2.05
N GLU A 22 17.51 -12.99 3.30
CA GLU A 22 16.11 -13.14 3.67
C GLU A 22 15.33 -11.84 3.46
N GLU A 23 15.99 -10.70 3.62
CA GLU A 23 15.30 -9.43 3.42
C GLU A 23 14.98 -9.18 1.95
N GLN A 24 15.92 -9.45 1.05
CA GLN A 24 15.61 -9.37 -0.37
C GLN A 24 14.52 -10.35 -0.75
N ALA A 25 14.55 -11.56 -0.15
CA ALA A 25 13.50 -12.52 -0.41
C ALA A 25 12.13 -12.00 0.03
N LYS A 26 12.07 -11.38 1.21
CA LYS A 26 10.81 -10.85 1.71
C LYS A 26 10.28 -9.74 0.82
N THR A 27 11.14 -8.81 0.43
CA THR A 27 10.71 -7.72 -0.46
C THR A 27 10.25 -8.25 -1.81
N PHE A 28 11.00 -9.21 -2.37
CA PHE A 28 10.63 -9.82 -3.64
C PHE A 28 9.28 -10.51 -3.54
N LEU A 29 9.04 -11.23 -2.45
CA LEU A 29 7.75 -11.90 -2.26
C LEU A 29 6.63 -10.91 -2.07
N ASP A 30 6.88 -9.78 -1.40
CA ASP A 30 5.86 -8.76 -1.25
C ASP A 30 5.43 -8.22 -2.60
N LYS A 31 6.40 -7.86 -3.45
CA LYS A 31 6.07 -7.40 -4.79
C LYS A 31 5.34 -8.49 -5.58
N PHE A 32 5.84 -9.72 -5.50
CA PHE A 32 5.24 -10.83 -6.23
C PHE A 32 3.78 -11.00 -5.85
N ASN A 33 3.49 -10.96 -4.55
CA ASN A 33 2.11 -11.06 -4.09
C ASN A 33 1.28 -9.90 -4.62
N HIS A 34 1.85 -8.69 -4.62
CA HIS A 34 1.09 -7.52 -5.06
C HIS A 34 0.58 -7.69 -6.49
N GLU A 35 1.47 -8.00 -7.44
CA GLU A 35 0.95 -8.16 -8.81
C GLU A 35 0.25 -9.50 -9.00
N ALA A 36 0.62 -10.52 -8.22
CA ALA A 36 0.02 -11.84 -8.40
C ALA A 36 -1.47 -11.83 -8.06
N GLU A 37 -1.85 -11.11 -7.00
CA GLU A 37 -3.26 -11.05 -6.63
C GLU A 37 -4.12 -10.51 -7.77
N ASP A 38 -3.71 -9.39 -8.35
CA ASP A 38 -4.46 -8.78 -9.44
C ASP A 38 -4.48 -9.66 -10.69
N LEU A 39 -3.32 -10.22 -11.06
CA LEU A 39 -3.29 -11.06 -12.26
C LEU A 39 -4.16 -12.29 -12.10
N PHE A 40 -4.09 -12.95 -10.93
CA PHE A 40 -4.91 -14.12 -10.67
C PHE A 40 -6.39 -13.77 -10.65
N TYR A 41 -6.74 -12.61 -10.08
CA TYR A 41 -8.14 -12.20 -10.08
C TYR A 41 -8.65 -11.99 -11.49
N GLN A 42 -7.86 -11.34 -12.34
CA GLN A 42 -8.27 -11.13 -13.72
C GLN A 42 -8.47 -12.45 -14.45
N SER A 43 -7.52 -13.38 -14.27
CA SER A 43 -7.62 -14.68 -14.92
C SER A 43 -8.85 -15.45 -14.43
N SER A 44 -9.11 -15.42 -13.12
CA SER A 44 -10.26 -16.13 -12.57
C SER A 44 -11.57 -15.52 -13.04
N LEU A 45 -11.64 -14.20 -13.14
CA LEU A 45 -12.85 -13.56 -13.63
C LEU A 45 -13.09 -13.92 -15.10
N ALA A 46 -12.03 -13.94 -15.91
CA ALA A 46 -12.19 -14.35 -17.31
C ALA A 46 -12.66 -15.79 -17.40
N SER A 47 -12.10 -16.68 -16.57
CA SER A 47 -12.51 -18.08 -16.57
C SER A 47 -13.97 -18.21 -16.17
N TRP A 48 -14.40 -17.46 -15.16
CA TRP A 48 -15.79 -17.52 -14.73
C TRP A 48 -16.72 -17.05 -15.84
N ASN A 49 -16.37 -15.94 -16.48
CA ASN A 49 -17.22 -15.40 -17.55
C ASN A 49 -17.28 -16.36 -18.74
N TYR A 50 -16.21 -17.11 -18.99
CA TYR A 50 -16.28 -18.12 -20.04
C TYR A 50 -17.15 -19.29 -19.62
N ASN A 51 -16.97 -19.80 -18.40
CA ASN A 51 -17.68 -20.99 -17.96
C ASN A 51 -19.17 -20.77 -17.82
N THR A 52 -19.61 -19.64 -17.27
CA THR A 52 -21.02 -19.36 -17.14
C THR A 52 -21.65 -18.83 -18.42
N ASN A 53 -20.84 -18.49 -19.42
CA ASN A 53 -21.35 -17.96 -20.68
C ASN A 53 -20.33 -18.32 -21.75
N ILE A 54 -20.59 -19.41 -22.49
CA ILE A 54 -19.63 -19.95 -23.43
C ILE A 54 -19.71 -19.13 -24.73
N THR A 55 -18.58 -18.57 -25.15
CA THR A 55 -18.51 -17.77 -26.35
C THR A 55 -17.04 -17.69 -26.79
N GLU A 56 -16.82 -17.66 -28.10
CA GLU A 56 -15.47 -17.60 -28.63
C GLU A 56 -14.72 -16.38 -28.10
N GLU A 57 -15.42 -15.25 -27.94
CA GLU A 57 -14.79 -14.07 -27.33
C GLU A 57 -14.35 -14.36 -25.90
N ASN A 58 -15.20 -15.06 -25.14
CA ASN A 58 -14.82 -15.46 -23.79
C ASN A 58 -13.65 -16.42 -23.80
N VAL A 59 -13.58 -17.32 -24.79
CA VAL A 59 -12.43 -18.21 -24.92
C VAL A 59 -11.16 -17.42 -25.17
N GLN A 60 -11.22 -16.42 -26.04
CA GLN A 60 -10.05 -15.58 -26.30
C GLN A 60 -9.62 -14.82 -25.06
N ASN A 61 -10.58 -14.27 -24.31
CA ASN A 61 -10.23 -13.56 -23.08
C ASN A 61 -9.58 -14.49 -22.07
N MET A 62 -10.14 -15.69 -21.91
CA MET A 62 -9.55 -16.66 -20.98
C MET A 62 -8.14 -17.04 -21.40
N ASN A 63 -7.93 -17.27 -22.70
CA ASN A 63 -6.60 -17.64 -23.19
C ASN A 63 -5.60 -16.51 -22.97
N ASN A 64 -6.02 -15.26 -23.21
CA ASN A 64 -5.11 -14.13 -22.99
C ASN A 64 -4.75 -14.01 -21.52
N ALA A 65 -5.74 -14.13 -20.63
CA ALA A 65 -5.46 -14.04 -19.20
C ALA A 65 -4.53 -15.16 -18.75
N GLY A 66 -4.78 -16.38 -19.23
CA GLY A 66 -3.92 -17.50 -18.87
C GLY A 66 -2.50 -17.34 -19.37
N ASP A 67 -2.35 -16.83 -20.60
CA ASP A 67 -1.01 -16.59 -21.13
C ASP A 67 -0.27 -15.54 -20.32
N LYS A 68 -0.96 -14.45 -19.95
CA LYS A 68 -0.31 -13.43 -19.13
C LYS A 68 0.09 -14.00 -17.77
N TRP A 69 -0.79 -14.78 -17.15
CA TRP A 69 -0.49 -15.35 -15.84
C TRP A 69 0.68 -16.31 -15.91
N SER A 70 0.71 -17.16 -16.94
CA SER A 70 1.82 -18.11 -17.08
C SER A 70 3.13 -17.40 -17.37
N ALA A 71 3.10 -16.35 -18.20
CA ALA A 71 4.32 -15.59 -18.45
C ALA A 71 4.83 -14.94 -17.18
N PHE A 72 3.94 -14.34 -16.39
CA PHE A 72 4.35 -13.73 -15.14
C PHE A 72 4.94 -14.77 -14.20
N LEU A 73 4.32 -15.95 -14.13
CA LEU A 73 4.83 -17.01 -13.27
C LEU A 73 6.22 -17.47 -13.71
N LYS A 74 6.45 -17.61 -15.01
CA LYS A 74 7.75 -18.03 -15.50
C LYS A 74 8.81 -16.99 -15.19
N GLU A 75 8.51 -15.70 -15.43
CA GLU A 75 9.47 -14.66 -15.13
C GLU A 75 9.80 -14.61 -13.63
N GLN A 76 8.78 -14.74 -12.78
CA GLN A 76 9.01 -14.73 -11.35
C GLN A 76 9.80 -15.95 -10.90
N SER A 77 9.58 -17.11 -11.53
CA SER A 77 10.38 -18.29 -11.20
C SER A 77 11.85 -18.08 -11.57
N THR A 78 12.10 -17.52 -12.76
CA THR A 78 13.48 -17.24 -13.15
C THR A 78 14.12 -16.24 -12.18
N LEU A 79 13.38 -15.21 -11.78
CA LEU A 79 13.92 -14.24 -10.82
C LEU A 79 14.18 -14.88 -9.46
N ALA A 80 13.29 -15.76 -9.00
CA ALA A 80 13.45 -16.37 -7.69
C ALA A 80 14.57 -17.39 -7.67
N GLN A 81 14.93 -17.96 -8.83
CA GLN A 81 16.05 -18.89 -8.87
C GLN A 81 17.39 -18.23 -8.54
N MET A 82 17.42 -16.92 -8.30
CA MET A 82 18.64 -16.23 -7.90
C MET A 82 18.75 -16.04 -6.38
N TYR A 83 17.89 -16.68 -5.60
CA TYR A 83 18.02 -16.69 -4.15
C TYR A 83 18.27 -18.11 -3.68
N PRO A 84 19.51 -18.45 -3.30
CA PRO A 84 19.79 -19.82 -2.84
C PRO A 84 18.99 -20.14 -1.58
N LEU A 85 18.51 -21.38 -1.50
CA LEU A 85 17.63 -21.78 -0.41
C LEU A 85 18.33 -21.77 0.94
N GLN A 86 19.64 -22.04 0.98
CA GLN A 86 20.35 -22.17 2.25
C GLN A 86 20.42 -20.86 3.01
N GLU A 87 20.21 -19.72 2.35
CA GLU A 87 20.34 -18.42 2.99
C GLU A 87 19.03 -17.92 3.59
N ILE A 88 17.96 -18.69 3.46
CA ILE A 88 16.66 -18.35 4.05
C ILE A 88 16.36 -19.33 5.16
N GLN A 89 16.05 -18.80 6.34
CA GLN A 89 15.77 -19.60 7.53
C GLN A 89 14.31 -19.56 7.96
N ASN A 90 13.51 -18.62 7.42
CA ASN A 90 12.12 -18.49 7.82
C ASN A 90 11.25 -19.42 6.97
N LEU A 91 10.46 -20.26 7.63
CA LEU A 91 9.76 -21.34 6.94
C LEU A 91 8.72 -20.82 5.96
N THR A 92 7.94 -19.80 6.35
CA THR A 92 6.88 -19.33 5.46
C THR A 92 7.45 -18.57 4.27
N VAL A 93 8.71 -18.15 4.34
CA VAL A 93 9.37 -17.55 3.19
C VAL A 93 10.01 -18.63 2.32
N LYS A 94 10.64 -19.62 2.95
CA LYS A 94 11.28 -20.71 2.22
C LYS A 94 10.26 -21.55 1.47
N LEU A 95 9.06 -21.76 2.04
CA LEU A 95 8.03 -22.51 1.34
C LEU A 95 7.60 -21.79 0.07
N GLN A 96 7.39 -20.48 0.15
CA GLN A 96 7.03 -19.71 -1.03
C GLN A 96 8.14 -19.73 -2.07
N LEU A 97 9.39 -19.60 -1.64
CA LEU A 97 10.51 -19.64 -2.58
C LEU A 97 10.61 -21.02 -3.24
N GLN A 98 10.40 -22.08 -2.47
CA GLN A 98 10.43 -23.44 -3.02
C GLN A 98 9.31 -23.63 -4.04
N ALA A 99 8.12 -23.14 -3.73
CA ALA A 99 6.99 -23.28 -4.66
C ALA A 99 7.23 -22.47 -5.93
N LEU A 100 7.91 -21.33 -5.81
CA LEU A 100 8.17 -20.51 -6.99
C LEU A 100 9.44 -20.92 -7.73
N GLN A 101 10.23 -21.83 -7.15
CA GLN A 101 11.54 -22.14 -7.73
C GLN A 101 11.57 -23.49 -8.42
N GLN A 102 10.41 -24.11 -8.64
CA GLN A 102 10.37 -25.40 -9.32
C GLN A 102 10.62 -25.21 -10.81
N ASN A 103 11.70 -25.83 -11.31
CA ASN A 103 12.04 -25.71 -12.71
C ASN A 103 10.97 -26.36 -13.60
N GLY A 104 10.50 -27.54 -13.20
CA GLY A 104 9.46 -28.20 -13.98
C GLY A 104 10.03 -28.92 -15.19
N SER A 105 9.33 -28.79 -16.32
CA SER A 105 9.72 -29.47 -17.54
C SER A 105 10.59 -28.63 -18.46
N SER A 106 10.98 -27.43 -18.04
CA SER A 106 11.82 -26.55 -18.84
C SER A 106 13.30 -26.89 -18.76
N VAL A 107 13.63 -28.11 -18.30
CA VAL A 107 15.03 -28.48 -18.11
C VAL A 107 15.66 -29.07 -19.38
N LEU A 108 14.87 -29.55 -20.33
CA LEU A 108 15.42 -30.10 -21.56
C LEU A 108 15.29 -29.12 -22.71
N SER A 109 15.61 -29.61 -23.91
CA SER A 109 15.57 -28.78 -25.10
C SER A 109 14.14 -28.48 -25.52
N GLU A 110 13.99 -27.51 -26.44
CA GLU A 110 12.67 -27.09 -26.87
C GLU A 110 12.02 -28.11 -27.80
N ASP A 111 12.82 -28.78 -28.64
CA ASP A 111 12.26 -29.77 -29.56
C ASP A 111 11.63 -30.93 -28.81
N LYS A 112 12.27 -31.39 -27.73
CA LYS A 112 11.70 -32.45 -26.92
C LYS A 112 10.41 -32.00 -26.25
N SER A 113 10.35 -30.74 -25.79
CA SER A 113 9.12 -30.22 -25.19
C SER A 113 7.99 -30.18 -26.22
N LYS A 114 8.31 -29.77 -27.46
CA LYS A 114 7.31 -29.76 -28.52
C LYS A 114 6.83 -31.17 -28.83
N ARG A 115 7.76 -32.13 -28.85
CA ARG A 115 7.37 -33.53 -29.08
C ARG A 115 6.46 -34.02 -27.97
N LEU A 116 6.77 -33.69 -26.72
CA LEU A 116 5.92 -34.07 -25.60
C LEU A 116 4.53 -33.46 -25.73
N ASN A 117 4.46 -32.17 -26.08
CA ASN A 117 3.17 -31.52 -26.23
C ASN A 117 2.35 -32.15 -27.35
N THR A 118 2.99 -32.45 -28.48
CA THR A 118 2.29 -33.12 -29.58
C THR A 118 1.78 -34.49 -29.15
N ILE A 119 2.61 -35.26 -28.43
CA ILE A 119 2.19 -36.59 -27.99
C ILE A 119 1.00 -36.49 -27.05
N LEU A 120 1.06 -35.57 -26.08
CA LEU A 120 -0.03 -35.42 -25.13
C LEU A 120 -1.31 -34.98 -25.82
N ASN A 121 -1.22 -34.03 -26.75
CA ASN A 121 -2.39 -33.59 -27.48
C ASN A 121 -2.98 -34.72 -28.33
N THR A 122 -2.12 -35.52 -28.97
CA THR A 122 -2.61 -36.63 -29.79
C THR A 122 -3.31 -37.67 -28.94
N MET A 123 -2.74 -38.03 -27.78
CA MET A 123 -3.39 -39.02 -26.92
C MET A 123 -4.70 -38.48 -26.36
N SER A 124 -4.74 -37.21 -25.96
CA SER A 124 -5.98 -36.63 -25.47
C SER A 124 -7.05 -36.61 -26.55
N THR A 125 -6.67 -36.26 -27.78
CA THR A 125 -7.62 -36.25 -28.88
C THR A 125 -8.13 -37.65 -29.20
N ILE A 126 -7.23 -38.65 -29.15
CA ILE A 126 -7.64 -40.03 -29.39
C ILE A 126 -8.62 -40.49 -28.32
N TYR A 127 -8.34 -40.18 -27.05
CA TYR A 127 -9.24 -40.57 -25.98
C TYR A 127 -10.59 -39.88 -26.11
N SER A 128 -10.60 -38.58 -26.43
CA SER A 128 -11.83 -37.82 -26.48
C SER A 128 -12.69 -38.13 -27.71
N THR A 129 -12.06 -38.40 -28.85
CA THR A 129 -12.79 -38.65 -30.08
C THR A 129 -12.78 -40.11 -30.49
N GLY A 130 -12.12 -40.97 -29.74
CA GLY A 130 -12.10 -42.39 -30.04
C GLY A 130 -13.48 -43.02 -29.98
N LYS A 131 -13.89 -43.67 -31.06
CA LYS A 131 -15.21 -44.24 -31.17
C LYS A 131 -15.14 -45.67 -31.70
N VAL A 132 -16.24 -46.39 -31.52
CA VAL A 132 -16.39 -47.74 -32.06
C VAL A 132 -17.62 -47.75 -32.95
N CYS A 133 -17.47 -48.32 -34.15
CA CYS A 133 -18.55 -48.45 -35.10
C CYS A 133 -19.10 -49.87 -35.04
N ASN A 134 -20.41 -50.00 -34.84
CA ASN A 134 -21.00 -51.31 -34.71
C ASN A 134 -20.88 -52.08 -36.02
N PRO A 135 -20.74 -53.40 -35.97
CA PRO A 135 -20.59 -54.18 -37.21
C PRO A 135 -21.79 -54.02 -38.13
N ASP A 136 -21.52 -53.99 -39.43
CA ASP A 136 -22.47 -53.89 -40.54
C ASP A 136 -23.12 -52.51 -40.62
N ASN A 137 -22.80 -51.59 -39.73
CA ASN A 137 -23.35 -50.23 -39.74
C ASN A 137 -22.20 -49.24 -39.63
N PRO A 138 -21.55 -48.91 -40.75
CA PRO A 138 -20.38 -48.00 -40.69
C PRO A 138 -20.71 -46.59 -40.22
N GLN A 139 -21.97 -46.18 -40.24
CA GLN A 139 -22.34 -44.82 -39.86
C GLN A 139 -22.75 -44.67 -38.39
N GLU A 140 -23.22 -45.75 -37.76
CA GLU A 140 -23.67 -45.68 -36.37
C GLU A 140 -22.48 -45.96 -35.45
N CYS A 141 -21.64 -44.95 -35.25
CA CYS A 141 -20.46 -45.07 -34.41
C CYS A 141 -20.65 -44.27 -33.14
N LEU A 142 -20.32 -44.91 -32.00
CA LEU A 142 -20.54 -44.33 -30.69
C LEU A 142 -19.21 -44.18 -29.95
N LEU A 143 -19.10 -43.09 -29.20
CA LEU A 143 -17.94 -42.85 -28.36
C LEU A 143 -18.07 -43.64 -27.05
N LEU A 144 -17.10 -43.43 -26.16
CA LEU A 144 -17.22 -43.97 -24.81
C LEU A 144 -18.39 -43.34 -24.07
N GLU A 145 -18.61 -42.04 -24.30
CA GLU A 145 -19.70 -41.28 -23.71
C GLU A 145 -20.68 -40.89 -24.80
N PRO A 146 -21.99 -41.19 -24.67
CA PRO A 146 -22.60 -41.90 -23.56
C PRO A 146 -23.04 -43.34 -23.88
N GLY A 147 -22.96 -43.74 -25.14
CA GLY A 147 -23.44 -45.05 -25.56
C GLY A 147 -22.72 -46.19 -24.86
N LEU A 148 -21.40 -46.21 -24.96
CA LEU A 148 -20.63 -47.21 -24.21
C LEU A 148 -20.79 -46.99 -22.71
N ASN A 149 -20.94 -45.74 -22.28
CA ASN A 149 -21.24 -45.47 -20.88
C ASN A 149 -22.59 -46.05 -20.47
N GLU A 150 -23.60 -45.94 -21.33
CA GLU A 150 -24.87 -46.57 -21.02
C GLU A 150 -24.73 -48.08 -20.95
N ILE A 151 -23.94 -48.66 -21.86
CA ILE A 151 -23.76 -50.11 -21.88
C ILE A 151 -23.08 -50.58 -20.59
N MET A 152 -22.04 -49.87 -20.16
CA MET A 152 -21.34 -50.25 -18.94
C MET A 152 -22.15 -49.99 -17.68
N ALA A 153 -22.98 -48.95 -17.65
CA ALA A 153 -23.71 -48.60 -16.44
C ALA A 153 -25.04 -49.30 -16.28
N ASN A 154 -25.67 -49.73 -17.37
CA ASN A 154 -27.01 -50.31 -17.27
C ASN A 154 -27.06 -51.74 -17.76
N SER A 155 -26.48 -52.01 -18.93
CA SER A 155 -26.60 -53.32 -19.54
C SER A 155 -25.79 -54.36 -18.79
N LEU A 156 -26.35 -55.55 -18.67
CA LEU A 156 -25.69 -56.68 -18.00
C LEU A 156 -25.57 -57.90 -18.90
N ASP A 157 -25.88 -57.78 -20.18
CA ASP A 157 -25.75 -58.89 -21.12
C ASP A 157 -24.29 -59.24 -21.30
N TYR A 158 -23.98 -60.55 -21.30
CA TYR A 158 -22.59 -60.98 -21.37
C TYR A 158 -21.96 -60.61 -22.71
N ASN A 159 -22.62 -60.96 -23.81
CA ASN A 159 -22.02 -60.77 -25.13
C ASN A 159 -21.81 -59.29 -25.45
N GLU A 160 -22.81 -58.46 -25.18
CA GLU A 160 -22.70 -57.04 -25.51
C GLU A 160 -21.60 -56.38 -24.69
N ARG A 161 -21.53 -56.68 -23.39
CA ARG A 161 -20.50 -56.09 -22.55
C ARG A 161 -19.11 -56.55 -22.95
N LEU A 162 -18.96 -57.84 -23.27
CA LEU A 162 -17.66 -58.33 -23.71
C LEU A 162 -17.25 -57.69 -25.04
N TRP A 163 -18.21 -57.53 -25.96
CA TRP A 163 -17.91 -56.90 -27.24
C TRP A 163 -17.48 -55.45 -27.06
N ALA A 164 -18.20 -54.69 -26.21
CA ALA A 164 -17.81 -53.31 -25.96
C ALA A 164 -16.44 -53.23 -25.29
N TRP A 165 -16.19 -54.11 -24.32
CA TRP A 165 -14.89 -54.17 -23.65
C TRP A 165 -13.77 -54.40 -24.66
N GLU A 166 -13.90 -55.42 -25.49
CA GLU A 166 -12.86 -55.75 -26.47
C GLU A 166 -12.70 -54.64 -27.49
N SER A 167 -13.81 -54.06 -27.96
CA SER A 167 -13.73 -52.99 -28.96
C SER A 167 -12.99 -51.78 -28.42
N TRP A 168 -13.33 -51.34 -27.21
CA TRP A 168 -12.65 -50.20 -26.62
C TRP A 168 -11.18 -50.50 -26.37
N ARG A 169 -10.88 -51.72 -25.90
CA ARG A 169 -9.50 -52.01 -25.53
C ARG A 169 -8.63 -52.33 -26.74
N SER A 170 -9.24 -52.62 -27.89
CA SER A 170 -8.46 -52.90 -29.09
C SER A 170 -8.34 -51.71 -30.02
N GLU A 171 -9.41 -50.95 -30.22
CA GLU A 171 -9.37 -49.80 -31.10
C GLU A 171 -8.74 -48.56 -30.49
N VAL A 172 -8.39 -48.60 -29.20
CA VAL A 172 -7.84 -47.43 -28.52
C VAL A 172 -6.47 -47.72 -27.91
N GLY A 173 -6.34 -48.83 -27.17
CA GLY A 173 -5.08 -49.12 -26.51
C GLY A 173 -3.96 -49.38 -27.49
N LYS A 174 -4.24 -50.12 -28.56
CA LYS A 174 -3.23 -50.37 -29.58
C LYS A 174 -2.76 -49.08 -30.23
N GLN A 175 -3.65 -48.12 -30.43
CA GLN A 175 -3.24 -46.82 -30.94
C GLN A 175 -2.31 -46.11 -29.96
N LEU A 176 -2.61 -46.16 -28.67
CA LEU A 176 -1.89 -45.34 -27.70
C LEU A 176 -0.68 -46.05 -27.08
N ARG A 177 -0.39 -47.28 -27.49
CA ARG A 177 0.78 -47.96 -26.94
C ARG A 177 2.09 -47.26 -27.26
N PRO A 178 2.49 -47.04 -28.53
CA PRO A 178 3.80 -46.41 -28.77
C PRO A 178 3.87 -44.97 -28.28
N LEU A 179 2.77 -44.23 -28.36
CA LEU A 179 2.74 -42.89 -27.79
C LEU A 179 2.96 -42.93 -26.28
N TYR A 180 2.39 -43.93 -25.60
CA TYR A 180 2.65 -44.05 -24.17
C TYR A 180 4.11 -44.41 -23.90
N GLU A 181 4.72 -45.23 -24.74
CA GLU A 181 6.14 -45.53 -24.55
C GLU A 181 6.99 -44.27 -24.67
N GLU A 182 6.74 -43.47 -25.71
CA GLU A 182 7.50 -42.24 -25.89
C GLU A 182 7.20 -41.24 -24.78
N TYR A 183 5.95 -41.21 -24.31
CA TYR A 183 5.58 -40.38 -23.16
C TYR A 183 6.37 -40.78 -21.92
N VAL A 184 6.49 -42.08 -21.67
CA VAL A 184 7.26 -42.56 -20.53
C VAL A 184 8.72 -42.13 -20.66
N VAL A 185 9.29 -42.30 -21.86
CA VAL A 185 10.68 -41.94 -22.06
C VAL A 185 10.91 -40.45 -21.81
N LEU A 186 10.09 -39.59 -22.42
CA LEU A 186 10.26 -38.15 -22.27
C LEU A 186 10.02 -37.70 -20.84
N LYS A 187 8.99 -38.23 -20.18
CA LYS A 187 8.71 -37.86 -18.80
C LYS A 187 9.85 -38.29 -17.88
N ASN A 188 10.39 -39.49 -18.09
CA ASN A 188 11.52 -39.94 -17.29
C ASN A 188 12.74 -39.04 -17.50
N GLU A 189 12.97 -38.62 -18.74
CA GLU A 189 14.08 -37.70 -19.01
C GLU A 189 13.90 -36.38 -18.27
N MET A 190 12.73 -35.76 -18.43
CA MET A 190 12.45 -34.50 -17.75
C MET A 190 12.50 -34.67 -16.24
N ALA A 191 12.24 -35.89 -15.75
CA ALA A 191 12.28 -36.15 -14.33
C ALA A 191 13.71 -36.21 -13.81
N ARG A 192 14.55 -37.08 -14.37
CA ARG A 192 15.87 -37.24 -13.77
C ARG A 192 16.77 -36.07 -14.13
N ALA A 193 16.36 -35.23 -15.08
CA ALA A 193 17.10 -34.00 -15.32
C ALA A 193 16.88 -32.97 -14.22
N ASN A 194 15.85 -33.16 -13.39
CA ASN A 194 15.51 -32.23 -12.32
C ASN A 194 15.98 -32.70 -10.94
N HIS A 195 17.11 -33.41 -10.86
CA HIS A 195 17.64 -33.94 -9.59
C HIS A 195 16.67 -34.92 -8.93
N TYR A 196 15.82 -35.55 -9.75
CA TYR A 196 14.88 -36.56 -9.29
C TYR A 196 15.33 -37.93 -9.77
N GLU A 197 14.86 -38.97 -9.08
CA GLU A 197 15.17 -40.33 -9.49
C GLU A 197 14.37 -40.72 -10.74
N ASP A 198 13.08 -40.41 -10.76
CA ASP A 198 12.21 -40.74 -11.88
C ASP A 198 10.91 -39.95 -11.72
N TYR A 199 9.97 -40.20 -12.64
CA TYR A 199 8.72 -39.44 -12.65
C TYR A 199 7.80 -39.84 -11.51
N GLY A 200 7.83 -41.11 -11.10
CA GLY A 200 7.07 -41.51 -9.94
C GLY A 200 7.49 -40.78 -8.68
N ASP A 201 8.81 -40.56 -8.53
CA ASP A 201 9.30 -39.72 -7.44
C ASP A 201 8.77 -38.31 -7.57
N TYR A 202 8.63 -37.81 -8.80
CA TYR A 202 8.08 -36.47 -9.01
C TYR A 202 6.65 -36.38 -8.51
N TRP A 203 5.84 -37.40 -8.78
CA TRP A 203 4.49 -37.43 -8.23
C TRP A 203 4.50 -37.58 -6.71
N ARG A 204 5.39 -38.42 -6.17
CA ARG A 204 5.43 -38.66 -4.74
C ARG A 204 5.99 -37.49 -3.94
N GLY A 205 6.66 -36.54 -4.60
CA GLY A 205 7.23 -35.42 -3.88
C GLY A 205 6.23 -34.48 -3.25
N ASP A 206 4.93 -34.64 -3.57
CA ASP A 206 3.91 -33.78 -3.00
C ASP A 206 3.72 -33.97 -1.50
N TYR A 207 3.97 -35.17 -0.98
CA TYR A 207 3.79 -35.47 0.43
C TYR A 207 5.06 -35.27 1.24
N GLU A 208 6.16 -34.84 0.62
CA GLU A 208 7.42 -34.70 1.32
C GLU A 208 7.41 -33.48 2.24
N VAL A 209 7.88 -33.67 3.47
CA VAL A 209 7.98 -32.59 4.45
C VAL A 209 9.39 -32.60 5.01
N ASN A 210 10.08 -31.47 4.94
CA ASN A 210 11.45 -31.35 5.43
C ASN A 210 11.62 -30.05 6.19
N GLY A 211 12.51 -30.08 7.19
CA GLY A 211 12.89 -28.88 7.90
C GLY A 211 12.04 -28.54 9.11
N VAL A 212 11.16 -29.44 9.53
CA VAL A 212 10.31 -29.24 10.70
C VAL A 212 10.53 -30.43 11.63
N ASP A 213 10.69 -30.16 12.92
CA ASP A 213 10.93 -31.21 13.89
C ASP A 213 9.61 -31.80 14.37
N GLY A 214 9.55 -33.13 14.41
CA GLY A 214 8.36 -33.84 14.85
C GLY A 214 7.29 -34.00 13.80
N TYR A 215 7.50 -33.48 12.59
CA TYR A 215 6.53 -33.61 11.51
C TYR A 215 7.18 -34.02 10.20
N ASP A 216 8.36 -34.64 10.25
CA ASP A 216 9.06 -35.06 9.06
C ASP A 216 8.28 -36.14 8.33
N TYR A 217 8.46 -36.19 7.01
CA TYR A 217 7.84 -37.21 6.17
C TYR A 217 8.65 -37.36 4.91
N SER A 218 9.32 -38.50 4.77
CA SER A 218 10.19 -38.77 3.64
C SER A 218 9.40 -39.30 2.46
N ARG A 219 10.07 -39.34 1.29
CA ARG A 219 9.45 -39.86 0.09
C ARG A 219 9.29 -41.37 0.15
N GLY A 220 10.01 -42.03 1.05
CA GLY A 220 9.96 -43.48 1.14
C GLY A 220 8.95 -44.01 2.13
N GLN A 221 8.45 -43.16 3.04
CA GLN A 221 7.47 -43.63 4.01
C GLN A 221 6.09 -43.79 3.40
N LEU A 222 5.83 -43.17 2.25
CA LEU A 222 4.51 -43.28 1.62
C LEU A 222 4.20 -44.72 1.22
N ILE A 223 5.18 -45.42 0.65
CA ILE A 223 4.98 -46.80 0.23
C ILE A 223 4.65 -47.67 1.44
N GLU A 224 5.43 -47.51 2.51
CA GLU A 224 5.19 -48.31 3.72
C GLU A 224 3.83 -48.01 4.31
N ASP A 225 3.42 -46.74 4.33
CA ASP A 225 2.12 -46.38 4.89
C ASP A 225 0.98 -46.99 4.07
N VAL A 226 1.08 -46.89 2.74
CA VAL A 226 0.02 -47.44 1.89
C VAL A 226 -0.06 -48.96 2.05
N GLU A 227 1.09 -49.63 2.08
CA GLU A 227 1.08 -51.08 2.24
C GLU A 227 0.52 -51.49 3.61
N HIS A 228 0.90 -50.76 4.67
CA HIS A 228 0.40 -51.07 6.00
C HIS A 228 -1.12 -50.90 6.06
N THR A 229 -1.63 -49.82 5.47
CA THR A 229 -3.08 -49.64 5.42
C THR A 229 -3.77 -50.74 4.63
N PHE A 230 -3.21 -51.11 3.46
CA PHE A 230 -3.83 -52.15 2.64
C PHE A 230 -3.88 -53.50 3.34
N GLU A 231 -2.83 -53.84 4.09
CA GLU A 231 -2.82 -55.12 4.79
C GLU A 231 -3.98 -55.22 5.78
N GLU A 232 -4.29 -54.11 6.46
CA GLU A 232 -5.44 -54.09 7.37
C GLU A 232 -6.76 -54.00 6.63
N ILE A 233 -6.78 -53.37 5.45
CA ILE A 233 -8.02 -53.28 4.67
C ILE A 233 -8.40 -54.63 4.07
N LYS A 234 -7.42 -55.52 3.86
CA LYS A 234 -7.66 -56.75 3.11
C LYS A 234 -8.85 -57.59 3.56
N PRO A 235 -9.06 -57.88 4.84
CA PRO A 235 -10.17 -58.80 5.20
C PRO A 235 -11.55 -58.34 4.76
N LEU A 236 -11.84 -57.04 4.90
CA LEU A 236 -13.13 -56.51 4.46
C LEU A 236 -13.28 -56.68 2.95
N TYR A 237 -12.22 -56.41 2.21
CA TYR A 237 -12.25 -56.62 0.76
C TYR A 237 -12.49 -58.09 0.43
N GLU A 238 -11.87 -58.99 1.19
CA GLU A 238 -12.06 -60.42 0.94
C GLU A 238 -13.52 -60.82 1.14
N HIS A 239 -14.14 -60.35 2.23
CA HIS A 239 -15.53 -60.72 2.48
C HIS A 239 -16.49 -60.10 1.47
N LEU A 240 -16.28 -58.83 1.11
CA LEU A 240 -17.12 -58.22 0.08
C LEU A 240 -16.93 -58.92 -1.25
N HIS A 241 -15.69 -59.32 -1.57
CA HIS A 241 -15.41 -60.05 -2.80
C HIS A 241 -16.12 -61.38 -2.81
N ALA A 242 -16.11 -62.10 -1.69
CA ALA A 242 -16.82 -63.38 -1.62
C ALA A 242 -18.32 -63.19 -1.81
N TYR A 243 -18.91 -62.18 -1.16
CA TYR A 243 -20.34 -61.92 -1.32
C TYR A 243 -20.68 -61.59 -2.77
N VAL A 244 -19.90 -60.72 -3.41
CA VAL A 244 -20.16 -60.35 -4.80
C VAL A 244 -19.96 -61.54 -5.72
N ARG A 245 -18.98 -62.39 -5.44
CA ARG A 245 -18.73 -63.56 -6.27
C ARG A 245 -19.90 -64.54 -6.16
N ALA A 246 -20.43 -64.75 -4.96
CA ALA A 246 -21.59 -65.62 -4.80
C ALA A 246 -22.80 -65.07 -5.55
N LYS A 247 -23.04 -63.75 -5.43
CA LYS A 247 -24.16 -63.15 -6.14
C LYS A 247 -23.96 -63.24 -7.66
N LEU A 248 -22.73 -63.11 -8.13
CA LEU A 248 -22.46 -63.21 -9.55
C LEU A 248 -22.60 -64.64 -10.06
N MET A 249 -22.25 -65.63 -9.23
CA MET A 249 -22.58 -67.01 -9.55
C MET A 249 -24.09 -67.18 -9.69
N ASN A 250 -24.86 -66.59 -8.78
CA ASN A 250 -26.31 -66.63 -8.94
C ASN A 250 -26.75 -65.93 -10.21
N ALA A 251 -25.97 -64.94 -10.67
CA ALA A 251 -26.34 -64.22 -11.88
C ALA A 251 -25.70 -64.85 -13.12
N TYR A 252 -24.48 -65.37 -12.98
CA TYR A 252 -23.75 -65.97 -14.09
C TYR A 252 -23.36 -67.40 -13.69
N PRO A 253 -24.19 -68.39 -14.01
CA PRO A 253 -23.96 -69.73 -13.50
C PRO A 253 -22.76 -70.44 -14.13
N SER A 254 -22.62 -70.40 -15.44
CA SER A 254 -21.60 -71.17 -16.14
C SER A 254 -20.35 -70.38 -16.48
N TYR A 255 -20.25 -69.11 -16.04
CA TYR A 255 -19.12 -68.27 -16.39
C TYR A 255 -18.27 -67.85 -15.20
N ILE A 256 -18.60 -68.30 -13.98
CA ILE A 256 -17.84 -67.93 -12.79
C ILE A 256 -17.68 -69.17 -11.92
N SER A 257 -16.46 -69.39 -11.41
CA SER A 257 -16.17 -70.57 -10.64
C SER A 257 -16.22 -70.25 -9.14
N PRO A 258 -16.60 -71.23 -8.30
CA PRO A 258 -16.60 -71.01 -6.86
C PRO A 258 -15.31 -70.40 -6.32
N ILE A 259 -14.16 -70.74 -6.88
CA ILE A 259 -12.86 -70.30 -6.38
C ILE A 259 -12.23 -69.24 -7.28
N GLY A 260 -12.61 -69.19 -8.56
CA GLY A 260 -11.96 -68.30 -9.50
C GLY A 260 -12.27 -66.83 -9.25
N CYS A 261 -11.75 -66.00 -10.15
CA CYS A 261 -11.90 -64.56 -10.04
C CYS A 261 -13.16 -64.09 -10.76
N LEU A 262 -13.25 -62.78 -10.94
CA LEU A 262 -14.44 -62.19 -11.56
C LEU A 262 -14.11 -61.64 -12.94
N PRO A 263 -14.94 -61.90 -13.94
CA PRO A 263 -14.72 -61.27 -15.26
C PRO A 263 -14.78 -59.76 -15.16
N ALA A 264 -13.91 -59.09 -15.93
CA ALA A 264 -13.78 -57.65 -15.80
C ALA A 264 -14.87 -56.90 -16.57
N HIS A 265 -15.58 -57.58 -17.45
CA HIS A 265 -16.59 -56.94 -18.29
C HIS A 265 -17.99 -57.03 -17.69
N LEU A 266 -18.12 -57.52 -16.45
CA LEU A 266 -19.42 -57.67 -15.79
C LEU A 266 -19.38 -57.07 -14.38
N LEU A 267 -18.48 -56.11 -14.16
CA LEU A 267 -18.32 -55.49 -12.85
C LEU A 267 -18.99 -54.13 -12.75
N GLY A 268 -19.85 -53.76 -13.70
CA GLY A 268 -20.55 -52.51 -13.65
C GLY A 268 -19.80 -51.35 -14.27
N ASP A 269 -18.51 -51.50 -14.54
CA ASP A 269 -17.73 -50.43 -15.16
C ASP A 269 -16.86 -51.04 -16.26
N MET A 270 -15.94 -50.22 -16.79
CA MET A 270 -15.08 -50.68 -17.87
C MET A 270 -13.69 -51.08 -17.35
N TRP A 271 -13.30 -50.62 -16.16
CA TRP A 271 -11.98 -50.90 -15.62
C TRP A 271 -11.98 -51.62 -14.28
N GLY A 272 -13.14 -51.97 -13.73
CA GLY A 272 -13.18 -52.60 -12.42
C GLY A 272 -12.99 -51.64 -11.27
N ARG A 273 -12.95 -50.34 -11.55
CA ARG A 273 -12.64 -49.37 -10.51
C ARG A 273 -13.78 -49.24 -9.50
N PHE A 274 -15.02 -49.11 -9.98
CA PHE A 274 -16.17 -48.97 -9.09
C PHE A 274 -17.16 -50.10 -9.33
N TRP A 275 -17.69 -50.63 -8.22
CA TRP A 275 -18.66 -51.70 -8.25
C TRP A 275 -20.06 -51.23 -7.86
N THR A 276 -20.34 -49.93 -8.02
CA THR A 276 -21.64 -49.39 -7.61
C THR A 276 -22.77 -49.99 -8.42
N ASN A 277 -22.56 -50.13 -9.73
CA ASN A 277 -23.59 -50.61 -10.64
C ASN A 277 -24.00 -52.06 -10.39
N LEU A 278 -23.31 -52.76 -9.49
CA LEU A 278 -23.69 -54.10 -9.10
C LEU A 278 -24.71 -54.12 -7.96
N TYR A 279 -25.14 -52.95 -7.49
CA TYR A 279 -26.04 -52.89 -6.34
C TYR A 279 -27.34 -53.64 -6.62
N SER A 280 -27.90 -53.46 -7.81
CA SER A 280 -29.14 -54.16 -8.16
C SER A 280 -28.96 -55.67 -8.11
N LEU A 281 -27.73 -56.15 -8.32
CA LEU A 281 -27.45 -57.59 -8.23
C LEU A 281 -27.02 -58.03 -6.84
N THR A 282 -26.80 -57.10 -5.91
CA THR A 282 -26.27 -57.44 -4.60
C THR A 282 -27.06 -56.82 -3.45
N VAL A 283 -28.25 -56.30 -3.69
CA VAL A 283 -29.05 -55.68 -2.63
C VAL A 283 -29.49 -56.74 -1.64
N PRO A 284 -29.27 -56.52 -0.33
CA PRO A 284 -29.72 -57.50 0.67
C PRO A 284 -31.24 -57.65 0.70
N PHE A 285 -31.94 -56.54 0.87
CA PHE A 285 -33.39 -56.51 1.03
C PHE A 285 -33.95 -55.59 -0.05
N GLY A 286 -34.41 -56.18 -1.15
CA GLY A 286 -34.91 -55.44 -2.28
C GLY A 286 -36.35 -54.99 -2.18
N GLN A 287 -37.06 -55.36 -1.12
CA GLN A 287 -38.45 -54.95 -0.94
C GLN A 287 -38.60 -53.72 -0.06
N LYS A 288 -37.53 -53.25 0.58
CA LYS A 288 -37.58 -52.04 1.38
C LYS A 288 -36.86 -50.93 0.63
N PRO A 289 -37.56 -49.93 0.11
CA PRO A 289 -36.90 -48.89 -0.70
C PRO A 289 -36.06 -47.96 0.16
N ASN A 290 -35.16 -47.25 -0.51
CA ASN A 290 -34.29 -46.30 0.17
C ASN A 290 -35.05 -45.00 0.44
N ILE A 291 -34.42 -44.13 1.24
CA ILE A 291 -35.03 -42.85 1.60
C ILE A 291 -34.83 -41.88 0.43
N ASP A 292 -35.93 -41.33 -0.07
CA ASP A 292 -35.91 -40.33 -1.13
C ASP A 292 -36.88 -39.22 -0.72
N VAL A 293 -36.40 -37.99 -0.71
CA VAL A 293 -37.20 -36.86 -0.22
C VAL A 293 -37.51 -35.90 -1.37
N THR A 294 -37.32 -36.37 -2.61
CA THR A 294 -37.63 -35.52 -3.76
C THR A 294 -39.11 -35.20 -3.82
N ASP A 295 -39.96 -36.19 -3.61
CA ASP A 295 -41.41 -35.97 -3.66
C ASP A 295 -41.86 -35.00 -2.59
N ALA A 296 -41.32 -35.11 -1.38
CA ALA A 296 -41.63 -34.15 -0.33
C ALA A 296 -41.16 -32.75 -0.69
N MET A 297 -40.00 -32.64 -1.35
CA MET A 297 -39.54 -31.34 -1.81
C MET A 297 -40.51 -30.73 -2.82
N VAL A 298 -41.00 -31.54 -3.76
CA VAL A 298 -41.94 -31.01 -4.74
C VAL A 298 -43.26 -30.63 -4.08
N ASP A 299 -43.69 -31.41 -3.09
CA ASP A 299 -44.95 -31.12 -2.41
C ASP A 299 -44.88 -29.84 -1.59
N GLN A 300 -43.71 -29.55 -1.00
CA GLN A 300 -43.53 -28.38 -0.16
C GLN A 300 -43.05 -27.15 -0.94
N ALA A 301 -43.01 -27.24 -2.27
CA ALA A 301 -42.68 -26.12 -3.14
C ALA A 301 -41.28 -25.57 -2.84
N TRP A 302 -40.28 -26.44 -3.03
CA TRP A 302 -38.89 -26.02 -2.87
C TRP A 302 -38.28 -25.61 -4.21
N ASP A 303 -37.40 -24.62 -4.15
CA ASP A 303 -36.63 -24.15 -5.29
C ASP A 303 -35.15 -24.15 -4.90
N ALA A 304 -34.30 -23.72 -5.85
CA ALA A 304 -32.87 -23.70 -5.59
C ALA A 304 -32.52 -22.73 -4.48
N GLN A 305 -33.20 -21.57 -4.43
CA GLN A 305 -32.92 -20.60 -3.39
C GLN A 305 -33.22 -21.17 -2.01
N ARG A 306 -34.32 -21.91 -1.87
CA ARG A 306 -34.64 -22.54 -0.60
C ARG A 306 -33.58 -23.56 -0.20
N ILE A 307 -33.10 -24.36 -1.15
CA ILE A 307 -32.09 -25.37 -0.86
C ILE A 307 -30.81 -24.71 -0.37
N PHE A 308 -30.38 -23.65 -1.06
CA PHE A 308 -29.15 -22.99 -0.66
C PHE A 308 -29.31 -22.23 0.64
N LYS A 309 -30.50 -21.70 0.93
CA LYS A 309 -30.74 -21.09 2.23
C LYS A 309 -30.69 -22.13 3.34
N GLU A 310 -31.22 -23.33 3.09
CA GLU A 310 -31.12 -24.40 4.09
C GLU A 310 -29.67 -24.80 4.32
N ALA A 311 -28.88 -24.87 3.25
CA ALA A 311 -27.46 -25.17 3.41
C ALA A 311 -26.76 -24.08 4.21
N GLU A 312 -27.09 -22.81 3.94
CA GLU A 312 -26.51 -21.71 4.71
C GLU A 312 -26.91 -21.79 6.18
N LYS A 313 -28.16 -22.16 6.44
CA LYS A 313 -28.61 -22.32 7.82
C LYS A 313 -27.85 -23.45 8.52
N PHE A 314 -27.63 -24.56 7.81
CA PHE A 314 -26.84 -25.65 8.38
C PHE A 314 -25.43 -25.19 8.73
N PHE A 315 -24.81 -24.41 7.83
CA PHE A 315 -23.45 -23.97 8.08
C PHE A 315 -23.40 -22.91 9.18
N VAL A 316 -24.47 -22.12 9.33
CA VAL A 316 -24.54 -21.16 10.43
C VAL A 316 -24.70 -21.89 11.75
N SER A 317 -25.46 -22.99 11.78
CA SER A 317 -25.73 -23.69 13.02
C SER A 317 -24.46 -24.17 13.70
N VAL A 318 -23.43 -24.53 12.93
CA VAL A 318 -22.16 -24.97 13.50
C VAL A 318 -21.22 -23.80 13.78
N GLY A 319 -21.68 -22.57 13.58
CA GLY A 319 -20.90 -21.39 13.87
C GLY A 319 -20.13 -20.80 12.70
N LEU A 320 -20.16 -21.44 11.54
CA LEU A 320 -19.45 -20.90 10.39
C LEU A 320 -20.18 -19.67 9.85
N PRO A 321 -19.43 -18.70 9.33
CA PRO A 321 -20.07 -17.48 8.80
C PRO A 321 -20.96 -17.78 7.61
N ASN A 322 -22.01 -16.97 7.48
CA ASN A 322 -22.93 -17.11 6.36
C ASN A 322 -22.31 -16.53 5.09
N MET A 323 -22.96 -16.80 3.97
CA MET A 323 -22.48 -16.32 2.68
C MET A 323 -22.65 -14.81 2.56
N THR A 324 -21.70 -14.18 1.89
CA THR A 324 -21.69 -12.74 1.71
C THR A 324 -22.79 -12.32 0.73
N GLN A 325 -23.05 -11.01 0.70
CA GLN A 325 -24.03 -10.48 -0.24
C GLN A 325 -23.59 -10.71 -1.68
N GLY A 326 -22.29 -10.58 -1.94
CA GLY A 326 -21.77 -10.87 -3.27
C GLY A 326 -21.99 -12.32 -3.67
N PHE A 327 -21.98 -13.23 -2.71
CA PHE A 327 -22.28 -14.63 -3.02
C PHE A 327 -23.69 -14.77 -3.57
N TRP A 328 -24.65 -14.12 -2.93
CA TRP A 328 -26.05 -14.25 -3.37
C TRP A 328 -26.34 -13.38 -4.58
N GLU A 329 -25.45 -12.44 -4.91
CA GLU A 329 -25.69 -11.59 -6.08
C GLU A 329 -24.95 -12.11 -7.32
N ASN A 330 -23.91 -12.91 -7.14
CA ASN A 330 -23.05 -13.30 -8.25
C ASN A 330 -23.07 -14.79 -8.56
N SER A 331 -23.44 -15.64 -7.61
CA SER A 331 -23.41 -17.08 -7.83
C SER A 331 -24.49 -17.48 -8.84
N MET A 332 -24.24 -18.60 -9.52
CA MET A 332 -25.17 -19.19 -10.47
C MET A 332 -25.69 -20.49 -9.86
N LEU A 333 -26.92 -20.45 -9.35
CA LEU A 333 -27.51 -21.59 -8.67
C LEU A 333 -28.53 -22.33 -9.53
N THR A 334 -28.86 -21.81 -10.70
CA THR A 334 -29.80 -22.44 -11.61
C THR A 334 -29.26 -22.37 -13.03
N ASP A 335 -29.70 -23.28 -13.88
CA ASP A 335 -29.35 -23.26 -15.28
C ASP A 335 -30.12 -22.15 -15.99
N PRO A 336 -29.44 -21.19 -16.65
CA PRO A 336 -30.16 -20.10 -17.31
C PRO A 336 -31.10 -20.57 -18.41
N GLY A 337 -30.86 -21.74 -19.00
CA GLY A 337 -31.69 -22.24 -20.07
C GLY A 337 -31.62 -21.36 -21.32
N ASN A 338 -32.78 -21.04 -21.89
CA ASN A 338 -32.94 -20.21 -23.08
C ASN A 338 -31.77 -20.32 -24.06
N VAL A 339 -31.13 -19.20 -24.37
CA VAL A 339 -30.00 -19.22 -25.30
C VAL A 339 -28.68 -19.32 -24.52
N GLN A 340 -28.64 -18.83 -23.30
CA GLN A 340 -27.41 -18.83 -22.52
C GLN A 340 -27.00 -20.25 -22.16
N LYS A 341 -25.78 -20.63 -22.53
CA LYS A 341 -25.26 -21.96 -22.27
C LYS A 341 -24.09 -21.88 -21.30
N ALA A 342 -24.09 -22.81 -20.35
CA ALA A 342 -23.04 -22.86 -19.33
C ALA A 342 -22.80 -24.31 -18.92
N VAL A 343 -21.57 -24.58 -18.49
CA VAL A 343 -21.21 -25.90 -17.98
C VAL A 343 -21.99 -26.17 -16.71
N CYS A 344 -22.50 -27.39 -16.56
CA CYS A 344 -23.31 -27.76 -15.40
C CYS A 344 -22.53 -28.60 -14.39
N HIS A 345 -21.22 -28.70 -14.53
CA HIS A 345 -20.43 -29.44 -13.56
C HIS A 345 -20.37 -28.64 -12.26
N PRO A 346 -20.75 -29.22 -11.12
CA PRO A 346 -20.72 -28.47 -9.87
C PRO A 346 -19.30 -28.08 -9.51
N THR A 347 -19.09 -26.78 -9.25
CA THR A 347 -17.75 -26.27 -9.01
C THR A 347 -17.84 -25.11 -8.02
N ALA A 348 -16.80 -24.97 -7.20
CA ALA A 348 -16.68 -23.88 -6.25
C ALA A 348 -15.50 -22.99 -6.68
N TRP A 349 -15.76 -21.69 -6.82
CA TRP A 349 -14.78 -20.76 -7.35
C TRP A 349 -14.36 -19.77 -6.26
N ASP A 350 -13.06 -19.66 -6.05
CA ASP A 350 -12.45 -18.62 -5.21
C ASP A 350 -11.69 -17.71 -6.15
N LEU A 351 -12.34 -16.62 -6.59
CA LEU A 351 -11.77 -15.75 -7.61
C LEU A 351 -10.68 -14.84 -7.06
N GLY A 352 -10.52 -14.76 -5.74
CA GLY A 352 -9.60 -13.81 -5.15
C GLY A 352 -10.26 -12.48 -4.87
N LYS A 353 -9.56 -11.68 -4.06
CA LYS A 353 -10.04 -10.37 -3.63
C LYS A 353 -11.40 -10.48 -2.93
N GLY A 354 -11.59 -11.52 -2.14
CA GLY A 354 -12.83 -11.71 -1.42
C GLY A 354 -14.02 -12.08 -2.27
N ASP A 355 -13.81 -12.77 -3.38
CA ASP A 355 -14.89 -13.17 -4.28
C ASP A 355 -15.04 -14.68 -4.24
N PHE A 356 -16.21 -15.16 -3.81
CA PHE A 356 -16.50 -16.58 -3.69
C PHE A 356 -17.82 -16.87 -4.39
N ARG A 357 -17.84 -17.89 -5.25
CA ARG A 357 -19.03 -18.18 -6.03
C ARG A 357 -19.21 -19.69 -6.18
N ILE A 358 -20.43 -20.11 -6.49
CA ILE A 358 -20.76 -21.51 -6.74
C ILE A 358 -21.39 -21.62 -8.12
N LEU A 359 -20.89 -22.55 -8.92
CA LEU A 359 -21.44 -22.85 -10.24
C LEU A 359 -22.12 -24.21 -10.17
N MET A 360 -23.45 -24.22 -10.30
CA MET A 360 -24.21 -25.45 -10.14
C MET A 360 -25.55 -25.31 -10.84
N CYS A 361 -25.96 -26.36 -11.55
CA CYS A 361 -27.29 -26.44 -12.15
C CYS A 361 -28.20 -27.26 -11.24
N THR A 362 -28.63 -26.63 -10.16
CA THR A 362 -29.32 -27.33 -9.09
C THR A 362 -30.76 -27.67 -9.50
N LYS A 363 -31.16 -28.90 -9.26
CA LYS A 363 -32.54 -29.34 -9.38
C LYS A 363 -33.13 -29.57 -8.00
N VAL A 364 -34.44 -29.81 -7.97
CA VAL A 364 -35.15 -30.09 -6.72
C VAL A 364 -35.04 -31.59 -6.50
N THR A 365 -33.93 -32.01 -5.90
CA THR A 365 -33.58 -33.43 -5.81
C THR A 365 -32.62 -33.62 -4.64
N MET A 366 -32.69 -34.81 -4.02
CA MET A 366 -31.82 -35.12 -2.89
C MET A 366 -30.34 -35.07 -3.29
N ASP A 367 -30.00 -35.61 -4.46
CA ASP A 367 -28.60 -35.62 -4.88
C ASP A 367 -28.05 -34.21 -5.02
N ASP A 368 -28.82 -33.30 -5.63
CA ASP A 368 -28.39 -31.91 -5.68
C ASP A 368 -28.44 -31.26 -4.31
N PHE A 369 -29.36 -31.72 -3.45
CA PHE A 369 -29.42 -31.20 -2.08
C PHE A 369 -28.15 -31.52 -1.31
N LEU A 370 -27.48 -32.63 -1.66
CA LEU A 370 -26.21 -32.96 -1.02
C LEU A 370 -25.02 -32.32 -1.74
N THR A 371 -25.10 -32.21 -3.07
CA THR A 371 -24.03 -31.55 -3.82
C THR A 371 -23.92 -30.08 -3.45
N ALA A 372 -25.05 -29.44 -3.12
CA ALA A 372 -25.01 -28.07 -2.64
C ALA A 372 -24.20 -27.96 -1.36
N HIS A 373 -24.41 -28.89 -0.42
CA HIS A 373 -23.62 -28.90 0.81
C HIS A 373 -22.15 -29.14 0.53
N HIS A 374 -21.85 -30.03 -0.41
CA HIS A 374 -20.46 -30.28 -0.81
C HIS A 374 -19.80 -28.99 -1.31
N GLU A 375 -20.44 -28.31 -2.27
CA GLU A 375 -19.86 -27.10 -2.85
C GLU A 375 -19.77 -25.98 -1.81
N MET A 376 -20.75 -25.88 -0.92
CA MET A 376 -20.70 -24.87 0.13
C MET A 376 -19.60 -25.17 1.15
N GLY A 377 -19.31 -26.44 1.41
CA GLY A 377 -18.14 -26.77 2.23
C GLY A 377 -16.85 -26.35 1.55
N HIS A 378 -16.77 -26.56 0.24
CA HIS A 378 -15.61 -26.07 -0.51
C HIS A 378 -15.46 -24.56 -0.38
N ILE A 379 -16.58 -23.83 -0.50
CA ILE A 379 -16.56 -22.37 -0.37
C ILE A 379 -16.13 -21.95 1.04
N GLN A 380 -16.63 -22.64 2.07
CA GLN A 380 -16.23 -22.31 3.43
C GLN A 380 -14.73 -22.52 3.63
N TYR A 381 -14.20 -23.62 3.10
CA TYR A 381 -12.76 -23.87 3.20
C TYR A 381 -11.98 -22.78 2.46
N ASP A 382 -12.48 -22.34 1.32
CA ASP A 382 -11.83 -21.27 0.58
C ASP A 382 -11.84 -19.96 1.37
N MET A 383 -12.96 -19.65 2.01
CA MET A 383 -13.04 -18.43 2.82
C MET A 383 -12.12 -18.49 4.02
N ALA A 384 -11.88 -19.70 4.54
CA ALA A 384 -11.11 -19.83 5.77
C ALA A 384 -9.69 -19.29 5.65
N TYR A 385 -9.00 -19.60 4.55
CA TYR A 385 -7.60 -19.20 4.40
C TYR A 385 -7.40 -18.03 3.44
N ALA A 386 -8.38 -17.13 3.38
CA ALA A 386 -8.23 -15.95 2.51
C ALA A 386 -7.16 -15.00 3.04
N ALA A 387 -6.88 -15.05 4.34
CA ALA A 387 -5.89 -14.15 4.93
C ALA A 387 -4.46 -14.63 4.75
N GLN A 388 -4.26 -15.86 4.28
CA GLN A 388 -2.92 -16.38 4.06
C GLN A 388 -2.32 -15.75 2.81
N PRO A 389 -0.97 -15.78 2.69
CA PRO A 389 -0.33 -15.30 1.46
C PRO A 389 -0.79 -16.05 0.21
N PHE A 390 -0.50 -15.49 -0.96
CA PHE A 390 -1.05 -16.01 -2.20
C PHE A 390 -0.59 -17.44 -2.47
N LEU A 391 0.70 -17.73 -2.27
CA LEU A 391 1.23 -19.05 -2.58
C LEU A 391 0.83 -20.11 -1.56
N LEU A 392 0.25 -19.72 -0.43
CA LEU A 392 -0.16 -20.66 0.60
C LEU A 392 -1.67 -20.82 0.70
N ARG A 393 -2.42 -20.40 -0.33
CA ARG A 393 -3.88 -20.50 -0.32
C ARG A 393 -4.29 -21.79 -1.03
N ASN A 394 -4.09 -22.91 -0.33
CA ASN A 394 -4.44 -24.22 -0.86
C ASN A 394 -4.56 -25.19 0.30
N GLY A 395 -5.12 -26.36 0.03
CA GLY A 395 -5.23 -27.39 1.04
C GLY A 395 -3.86 -27.91 1.47
N ALA A 396 -3.84 -28.55 2.63
CA ALA A 396 -2.58 -29.04 3.18
C ALA A 396 -1.90 -30.01 2.22
N ASN A 397 -2.66 -30.93 1.63
CA ASN A 397 -2.16 -31.76 0.54
C ASN A 397 -3.31 -31.97 -0.43
N GLU A 398 -3.13 -32.92 -1.36
CA GLU A 398 -4.12 -33.12 -2.40
C GLU A 398 -5.34 -33.90 -1.93
N GLY A 399 -5.32 -34.42 -0.70
CA GLY A 399 -6.41 -35.20 -0.17
C GLY A 399 -7.26 -34.55 0.91
N PHE A 400 -7.11 -33.25 1.14
CA PHE A 400 -7.83 -32.59 2.23
C PHE A 400 -9.13 -31.95 1.72
N HIS A 401 -9.07 -31.31 0.55
CA HIS A 401 -10.18 -30.48 0.07
C HIS A 401 -11.40 -31.34 -0.23
N GLU A 402 -11.21 -32.47 -0.91
CA GLU A 402 -12.31 -33.35 -1.22
C GLU A 402 -12.91 -33.98 0.03
N ALA A 403 -12.09 -34.34 1.01
CA ALA A 403 -12.61 -34.90 2.26
C ALA A 403 -13.46 -33.87 3.00
N VAL A 404 -13.00 -32.63 3.06
CA VAL A 404 -13.79 -31.57 3.68
C VAL A 404 -15.10 -31.39 2.95
N GLY A 405 -15.06 -31.48 1.62
CA GLY A 405 -16.29 -31.38 0.85
C GLY A 405 -17.27 -32.51 1.11
N GLU A 406 -16.76 -33.74 1.28
CA GLU A 406 -17.65 -34.90 1.33
C GLU A 406 -18.19 -35.15 2.73
N ILE A 407 -17.49 -34.70 3.77
CA ILE A 407 -18.03 -34.88 5.12
C ILE A 407 -19.33 -34.10 5.31
N MET A 408 -19.48 -32.96 4.64
CA MET A 408 -20.73 -32.20 4.74
C MET A 408 -21.91 -32.99 4.18
N SER A 409 -21.74 -33.61 3.01
CA SER A 409 -22.79 -34.45 2.46
C SER A 409 -23.06 -35.66 3.36
N LEU A 410 -22.01 -36.25 3.93
CA LEU A 410 -22.21 -37.35 4.87
C LEU A 410 -23.08 -36.92 6.04
N SER A 411 -22.81 -35.75 6.61
CA SER A 411 -23.60 -35.27 7.73
C SER A 411 -25.04 -34.96 7.30
N ALA A 412 -25.20 -34.39 6.11
CA ALA A 412 -26.52 -33.94 5.67
C ALA A 412 -27.43 -35.10 5.25
N ALA A 413 -26.87 -36.22 4.80
CA ALA A 413 -27.68 -37.30 4.27
C ALA A 413 -28.44 -38.09 5.32
N THR A 414 -28.20 -37.84 6.61
CA THR A 414 -28.82 -38.63 7.66
C THR A 414 -30.32 -38.38 7.73
N PRO A 415 -31.11 -39.40 8.10
CA PRO A 415 -32.57 -39.20 8.21
C PRO A 415 -32.98 -38.16 9.24
N LYS A 416 -32.21 -38.01 10.32
CA LYS A 416 -32.56 -37.04 11.35
C LYS A 416 -32.53 -35.62 10.80
N HIS A 417 -31.55 -35.31 9.95
CA HIS A 417 -31.46 -33.98 9.37
C HIS A 417 -32.67 -33.66 8.51
N LEU A 418 -33.13 -34.64 7.73
CA LEU A 418 -34.33 -34.43 6.91
C LEU A 418 -35.60 -34.40 7.75
N LYS A 419 -35.62 -35.11 8.88
CA LYS A 419 -36.73 -35.01 9.81
C LYS A 419 -36.79 -33.66 10.51
N SER A 420 -35.65 -32.99 10.66
CA SER A 420 -35.61 -31.71 11.33
C SER A 420 -35.90 -30.53 10.40
N ILE A 421 -36.10 -30.78 9.11
CA ILE A 421 -36.42 -29.71 8.17
C ILE A 421 -37.76 -29.93 7.47
N GLY A 422 -38.55 -30.90 7.93
CA GLY A 422 -39.88 -31.09 7.40
C GLY A 422 -39.99 -31.97 6.17
N LEU A 423 -38.88 -32.48 5.66
CA LEU A 423 -38.92 -33.36 4.49
C LEU A 423 -39.26 -34.79 4.83
N LEU A 424 -39.18 -35.17 6.09
CA LEU A 424 -39.51 -36.51 6.55
C LEU A 424 -40.69 -36.41 7.51
N SER A 425 -41.71 -37.22 7.25
CA SER A 425 -42.88 -37.22 8.12
C SER A 425 -42.47 -37.63 9.53
N PRO A 426 -42.99 -36.97 10.56
CA PRO A 426 -42.59 -37.32 11.94
C PRO A 426 -42.94 -38.74 12.34
N ASP A 427 -43.75 -39.43 11.55
CA ASP A 427 -44.13 -40.81 11.82
C ASP A 427 -43.21 -41.82 11.14
N PHE A 428 -42.07 -41.36 10.63
CA PHE A 428 -41.12 -42.23 9.93
C PHE A 428 -40.16 -42.83 10.94
N GLN A 429 -40.18 -44.17 11.05
CA GLN A 429 -39.30 -44.90 11.93
C GLN A 429 -38.35 -45.76 11.11
N GLU A 430 -37.08 -45.74 11.47
CA GLU A 430 -36.05 -46.42 10.69
C GLU A 430 -35.96 -47.89 11.10
N ASP A 431 -35.61 -48.74 10.14
CA ASP A 431 -35.40 -50.16 10.38
C ASP A 431 -33.97 -50.54 10.00
N ASN A 432 -33.55 -51.71 10.48
CA ASN A 432 -32.17 -52.14 10.27
C ASN A 432 -31.91 -52.56 8.83
N GLU A 433 -32.94 -53.03 8.13
CA GLU A 433 -32.76 -53.47 6.74
C GLU A 433 -32.35 -52.31 5.84
N THR A 434 -33.00 -51.15 5.99
CA THR A 434 -32.60 -49.99 5.21
C THR A 434 -31.19 -49.53 5.55
N GLU A 435 -30.81 -49.61 6.82
CA GLU A 435 -29.45 -49.26 7.21
C GLU A 435 -28.43 -50.19 6.55
N ILE A 436 -28.73 -51.49 6.50
CA ILE A 436 -27.83 -52.44 5.85
C ILE A 436 -27.74 -52.14 4.36
N ASN A 437 -28.87 -51.82 3.73
CA ASN A 437 -28.86 -51.49 2.31
C ASN A 437 -28.00 -50.25 2.05
N PHE A 438 -28.15 -49.23 2.89
CA PHE A 438 -27.36 -48.00 2.73
C PHE A 438 -25.87 -48.28 2.92
N LEU A 439 -25.53 -49.10 3.92
CA LEU A 439 -24.13 -49.42 4.16
C LEU A 439 -23.52 -50.20 3.01
N LEU A 440 -24.27 -51.16 2.44
CA LEU A 440 -23.74 -51.90 1.31
C LEU A 440 -23.58 -51.00 0.09
N LYS A 441 -24.52 -50.08 -0.13
CA LYS A 441 -24.38 -49.13 -1.23
C LYS A 441 -23.14 -48.28 -1.05
N GLN A 442 -22.87 -47.84 0.18
CA GLN A 442 -21.66 -47.06 0.45
C GLN A 442 -20.40 -47.88 0.20
N ALA A 443 -20.40 -49.14 0.65
CA ALA A 443 -19.21 -49.97 0.54
C ALA A 443 -18.90 -50.34 -0.90
N LEU A 444 -19.92 -50.53 -1.74
CA LEU A 444 -19.67 -50.86 -3.14
C LEU A 444 -18.85 -49.78 -3.82
N THR A 445 -19.03 -48.53 -3.41
CA THR A 445 -18.31 -47.41 -4.01
C THR A 445 -16.99 -47.14 -3.30
N ILE A 446 -16.99 -47.15 -1.97
CA ILE A 446 -15.81 -46.71 -1.22
C ILE A 446 -14.74 -47.80 -1.21
N VAL A 447 -15.09 -49.00 -0.75
CA VAL A 447 -14.08 -50.05 -0.55
C VAL A 447 -13.56 -50.58 -1.88
N GLY A 448 -14.43 -50.72 -2.88
CA GLY A 448 -14.04 -51.42 -4.11
C GLY A 448 -12.91 -50.75 -4.87
N THR A 449 -12.94 -49.42 -4.98
CA THR A 449 -11.94 -48.70 -5.77
C THR A 449 -10.56 -48.70 -5.12
N LEU A 450 -10.46 -49.14 -3.87
CA LEU A 450 -9.25 -48.88 -3.08
C LEU A 450 -8.11 -49.83 -3.48
N PRO A 451 -8.31 -51.16 -3.54
CA PRO A 451 -7.25 -52.00 -4.11
C PRO A 451 -6.93 -51.68 -5.55
N PHE A 452 -7.92 -51.25 -6.34
CA PHE A 452 -7.66 -50.87 -7.72
C PHE A 452 -6.69 -49.68 -7.78
N THR A 453 -6.93 -48.68 -6.94
CA THR A 453 -6.03 -47.53 -6.89
C THR A 453 -4.63 -47.95 -6.46
N TYR A 454 -4.54 -48.80 -5.44
CA TYR A 454 -3.23 -49.28 -5.00
C TYR A 454 -2.51 -49.99 -6.13
N MET A 455 -3.20 -50.88 -6.84
CA MET A 455 -2.61 -51.57 -7.98
C MET A 455 -2.11 -50.61 -9.05
N LEU A 456 -2.95 -49.64 -9.44
CA LEU A 456 -2.56 -48.76 -10.53
C LEU A 456 -1.34 -47.94 -10.14
N GLU A 457 -1.31 -47.43 -8.90
CA GLU A 457 -0.16 -46.65 -8.46
C GLU A 457 1.10 -47.52 -8.42
N LYS A 458 0.99 -48.75 -7.92
CA LYS A 458 2.15 -49.63 -7.85
C LYS A 458 2.69 -49.94 -9.25
N TRP A 459 1.78 -50.24 -10.19
CA TRP A 459 2.20 -50.59 -11.54
C TRP A 459 2.87 -49.41 -12.23
N ARG A 460 2.30 -48.21 -12.10
CA ARG A 460 2.94 -47.05 -12.72
C ARG A 460 4.28 -46.73 -12.06
N TRP A 461 4.36 -46.93 -10.74
CA TRP A 461 5.64 -46.70 -10.05
C TRP A 461 6.72 -47.63 -10.60
N MET A 462 6.39 -48.92 -10.76
CA MET A 462 7.36 -49.87 -11.29
C MET A 462 7.68 -49.59 -12.75
N VAL A 463 6.70 -49.19 -13.56
CA VAL A 463 6.96 -48.92 -14.97
C VAL A 463 7.89 -47.73 -15.12
N PHE A 464 7.63 -46.65 -14.38
CA PHE A 464 8.53 -45.49 -14.44
C PHE A 464 9.90 -45.83 -13.87
N LYS A 465 9.93 -46.65 -12.80
CA LYS A 465 11.21 -47.05 -12.23
C LYS A 465 12.02 -47.93 -13.16
N GLY A 466 11.38 -48.87 -13.86
CA GLY A 466 12.09 -49.72 -14.80
C GLY A 466 12.13 -51.19 -14.46
N GLU A 467 11.44 -51.62 -13.40
CA GLU A 467 11.41 -53.04 -13.07
C GLU A 467 10.51 -53.85 -14.00
N ILE A 468 9.70 -53.20 -14.82
CA ILE A 468 8.83 -53.89 -15.77
C ILE A 468 9.29 -53.59 -17.18
N PRO A 469 10.02 -54.49 -17.83
CA PRO A 469 10.35 -54.31 -19.25
C PRO A 469 9.10 -54.15 -20.10
N LYS A 470 9.25 -53.40 -21.19
CA LYS A 470 8.11 -53.10 -22.05
C LYS A 470 7.46 -54.36 -22.60
N ASP A 471 8.26 -55.31 -23.08
CA ASP A 471 7.75 -56.53 -23.67
C ASP A 471 7.05 -57.44 -22.66
N GLN A 472 7.01 -57.04 -21.38
CA GLN A 472 6.28 -57.79 -20.36
C GLN A 472 5.13 -56.99 -19.77
N TRP A 473 4.91 -55.76 -20.24
CA TRP A 473 3.99 -54.83 -19.59
C TRP A 473 2.65 -55.49 -19.28
N MET A 474 1.93 -55.91 -20.32
CA MET A 474 0.61 -56.51 -20.10
C MET A 474 0.72 -57.79 -19.31
N LYS A 475 1.80 -58.56 -19.53
CA LYS A 475 2.03 -59.77 -18.74
C LYS A 475 2.05 -59.44 -17.25
N LYS A 476 2.66 -58.32 -16.89
CA LYS A 476 2.62 -57.87 -15.50
C LYS A 476 1.26 -57.26 -15.17
N TRP A 477 0.66 -56.54 -16.12
CA TRP A 477 -0.56 -55.78 -15.81
C TRP A 477 -1.71 -56.70 -15.42
N TRP A 478 -1.86 -57.82 -16.11
CA TRP A 478 -2.90 -58.78 -15.75
C TRP A 478 -2.46 -59.74 -14.66
N GLU A 479 -1.22 -59.61 -14.18
CA GLU A 479 -0.76 -60.47 -13.09
C GLU A 479 -1.33 -60.03 -11.76
N MET A 480 -1.08 -58.78 -11.37
CA MET A 480 -1.52 -58.31 -10.06
C MET A 480 -3.04 -58.33 -9.92
N LYS A 481 -3.77 -58.08 -11.02
CA LYS A 481 -5.23 -58.21 -11.01
C LYS A 481 -5.65 -59.52 -10.37
N ARG A 482 -4.88 -60.58 -10.59
CA ARG A 482 -5.27 -61.90 -10.09
C ARG A 482 -5.01 -62.03 -8.60
N GLU A 483 -3.96 -61.40 -8.07
CA GLU A 483 -3.56 -61.72 -6.72
C GLU A 483 -3.58 -60.51 -5.78
N ILE A 484 -4.07 -59.37 -6.26
CA ILE A 484 -4.52 -58.31 -5.36
C ILE A 484 -5.98 -57.95 -5.59
N VAL A 485 -6.33 -57.55 -6.81
CA VAL A 485 -7.70 -57.18 -7.11
C VAL A 485 -8.61 -58.40 -7.29
N GLY A 486 -8.03 -59.59 -7.48
CA GLY A 486 -8.83 -60.79 -7.67
C GLY A 486 -9.65 -60.80 -8.94
N VAL A 487 -9.04 -60.42 -10.07
CA VAL A 487 -9.73 -60.33 -11.35
C VAL A 487 -8.87 -61.00 -12.41
N VAL A 488 -9.50 -61.75 -13.31
CA VAL A 488 -8.86 -62.35 -14.47
C VAL A 488 -9.52 -61.82 -15.72
N GLU A 489 -8.75 -61.74 -16.80
CA GLU A 489 -9.26 -61.15 -18.03
C GLU A 489 -10.12 -62.15 -18.79
N PRO A 490 -11.13 -61.68 -19.54
CA PRO A 490 -11.94 -62.60 -20.35
C PRO A 490 -11.31 -62.97 -21.68
N VAL A 491 -10.37 -62.17 -22.18
CA VAL A 491 -9.67 -62.47 -23.43
C VAL A 491 -8.19 -62.16 -23.23
N PRO A 492 -7.28 -63.08 -23.56
CA PRO A 492 -5.86 -62.77 -23.42
C PRO A 492 -5.42 -61.64 -24.34
N HIS A 493 -4.49 -60.83 -23.85
CA HIS A 493 -3.99 -59.67 -24.59
C HIS A 493 -2.49 -59.79 -24.75
N ASP A 494 -2.00 -59.46 -25.94
CA ASP A 494 -0.57 -59.48 -26.23
C ASP A 494 0.04 -58.12 -25.88
N GLU A 495 1.29 -57.90 -26.31
CA GLU A 495 1.99 -56.66 -25.99
C GLU A 495 1.58 -55.51 -26.89
N THR A 496 0.76 -55.75 -27.91
CA THR A 496 0.23 -54.65 -28.71
C THR A 496 -0.87 -53.89 -27.99
N TYR A 497 -1.38 -54.43 -26.89
CA TYR A 497 -2.40 -53.76 -26.09
C TYR A 497 -1.74 -52.90 -25.02
N CYS A 498 -2.35 -51.76 -24.74
CA CYS A 498 -1.92 -50.84 -23.68
C CYS A 498 -3.12 -50.37 -22.88
N ASP A 499 -3.93 -51.33 -22.43
CA ASP A 499 -5.22 -51.10 -21.78
C ASP A 499 -5.16 -50.09 -20.63
N PRO A 500 -4.15 -50.13 -19.74
CA PRO A 500 -4.08 -49.09 -18.70
C PRO A 500 -4.06 -47.67 -19.25
N ALA A 501 -3.36 -47.44 -20.36
CA ALA A 501 -3.36 -46.10 -20.95
C ALA A 501 -4.72 -45.71 -21.52
N SER A 502 -5.60 -46.67 -21.75
CA SER A 502 -6.96 -46.37 -22.19
C SER A 502 -7.75 -45.62 -21.13
N LEU A 503 -7.33 -45.68 -19.87
CA LEU A 503 -7.97 -44.95 -18.78
C LEU A 503 -7.54 -43.49 -18.83
N PHE A 504 -8.42 -42.61 -18.34
CA PHE A 504 -8.16 -41.17 -18.39
C PHE A 504 -6.94 -40.80 -17.54
N HIS A 505 -6.77 -41.45 -16.39
CA HIS A 505 -5.74 -41.02 -15.45
C HIS A 505 -4.35 -41.47 -15.86
N VAL A 506 -4.24 -42.31 -16.90
CA VAL A 506 -2.92 -42.75 -17.35
C VAL A 506 -2.50 -41.99 -18.60
N SER A 507 -3.42 -41.78 -19.53
CA SER A 507 -3.10 -41.08 -20.77
C SER A 507 -3.01 -39.58 -20.60
N ASN A 508 -3.55 -39.02 -19.52
CA ASN A 508 -3.59 -37.58 -19.33
C ASN A 508 -2.64 -37.09 -18.25
N ASP A 509 -1.69 -37.93 -17.83
CA ASP A 509 -0.61 -37.51 -16.93
C ASP A 509 -1.14 -36.94 -15.61
N TYR A 510 -1.82 -37.80 -14.84
CA TYR A 510 -2.39 -37.40 -13.56
C TYR A 510 -1.98 -38.39 -12.48
N SER A 511 -1.71 -37.86 -11.29
CA SER A 511 -1.49 -38.71 -10.13
C SER A 511 -2.80 -39.38 -9.73
N PHE A 512 -2.71 -40.61 -9.23
CA PHE A 512 -3.89 -41.41 -8.93
C PHE A 512 -3.93 -41.90 -7.49
N ILE A 513 -2.90 -41.63 -6.69
CA ILE A 513 -2.89 -42.09 -5.30
C ILE A 513 -3.71 -41.17 -4.40
N ARG A 514 -3.99 -39.94 -4.85
CA ARG A 514 -4.77 -39.03 -4.02
C ARG A 514 -6.17 -39.56 -3.75
N TYR A 515 -6.70 -40.39 -4.65
CA TYR A 515 -8.02 -40.98 -4.42
C TYR A 515 -7.98 -42.01 -3.30
N TYR A 516 -6.82 -42.58 -3.03
CA TYR A 516 -6.66 -43.50 -1.91
C TYR A 516 -6.68 -42.73 -0.59
N THR A 517 -5.70 -41.85 -0.39
CA THR A 517 -5.52 -41.17 0.89
C THR A 517 -6.76 -40.37 1.26
N ARG A 518 -7.32 -39.63 0.30
CA ARG A 518 -8.55 -38.88 0.56
C ARG A 518 -9.63 -39.77 1.17
N THR A 519 -9.81 -40.97 0.61
CA THR A 519 -10.85 -41.86 1.11
C THR A 519 -10.67 -42.13 2.60
N LEU A 520 -9.43 -42.24 3.05
CA LEU A 520 -9.19 -42.42 4.48
C LEU A 520 -9.42 -41.12 5.23
N TYR A 521 -8.92 -39.99 4.69
CA TYR A 521 -8.90 -38.74 5.43
C TYR A 521 -10.30 -38.34 5.91
N GLN A 522 -11.30 -38.42 5.03
CA GLN A 522 -12.64 -38.01 5.42
C GLN A 522 -13.15 -38.82 6.60
N PHE A 523 -12.88 -40.12 6.63
CA PHE A 523 -13.40 -40.92 7.75
C PHE A 523 -12.65 -40.61 9.03
N GLN A 524 -11.44 -40.06 8.93
CA GLN A 524 -10.76 -39.54 10.12
C GLN A 524 -11.37 -38.22 10.55
N PHE A 525 -11.86 -37.43 9.59
CA PHE A 525 -12.44 -36.13 9.93
C PHE A 525 -13.80 -36.30 10.59
N GLN A 526 -14.75 -36.90 9.87
CA GLN A 526 -16.13 -37.00 10.34
C GLN A 526 -16.20 -37.57 11.75
N GLU A 527 -15.53 -38.70 11.98
CA GLU A 527 -15.52 -39.32 13.31
C GLU A 527 -15.13 -38.31 14.37
N ALA A 528 -14.03 -37.59 14.16
CA ALA A 528 -13.60 -36.60 15.13
C ALA A 528 -14.66 -35.55 15.35
N LEU A 529 -15.27 -35.06 14.26
CA LEU A 529 -16.35 -34.10 14.39
C LEU A 529 -17.52 -34.71 15.16
N CYS A 530 -17.81 -35.99 14.91
CA CYS A 530 -18.90 -36.64 15.63
C CYS A 530 -18.58 -36.82 17.10
N GLN A 531 -17.30 -36.73 17.48
CA GLN A 531 -16.97 -36.71 18.90
C GLN A 531 -17.24 -35.34 19.50
N ALA A 532 -17.08 -34.28 18.70
CA ALA A 532 -17.38 -32.93 19.20
C ALA A 532 -18.88 -32.70 19.32
N ALA A 533 -19.67 -33.40 18.52
CA ALA A 533 -21.12 -33.28 18.53
C ALA A 533 -21.78 -34.17 19.58
N LYS A 534 -21.00 -34.96 20.31
CA LYS A 534 -21.51 -35.88 21.32
C LYS A 534 -22.58 -36.80 20.75
N HIS A 535 -22.33 -37.31 19.55
CA HIS A 535 -23.26 -38.23 18.90
C HIS A 535 -23.29 -39.57 19.61
N GLU A 536 -24.47 -40.17 19.69
CA GLU A 536 -24.64 -41.50 20.26
C GLU A 536 -25.28 -42.41 19.21
N GLY A 537 -24.74 -43.62 19.09
CA GLY A 537 -25.23 -44.56 18.10
C GLY A 537 -24.18 -44.86 17.04
N PRO A 538 -24.60 -45.52 15.96
CA PRO A 538 -23.65 -45.83 14.89
C PRO A 538 -23.11 -44.56 14.24
N LEU A 539 -21.86 -44.65 13.76
CA LEU A 539 -21.20 -43.50 13.16
C LEU A 539 -21.90 -43.06 11.88
N HIS A 540 -22.51 -43.99 11.15
CA HIS A 540 -23.19 -43.64 9.92
C HIS A 540 -24.53 -42.94 10.14
N LYS A 541 -24.98 -42.84 11.39
CA LYS A 541 -26.18 -42.09 11.74
C LYS A 541 -25.86 -40.75 12.40
N CYS A 542 -24.63 -40.27 12.27
CA CYS A 542 -24.20 -39.08 12.98
C CYS A 542 -24.55 -37.81 12.20
N ASP A 543 -25.04 -36.81 12.94
CA ASP A 543 -25.36 -35.49 12.39
C ASP A 543 -24.72 -34.44 13.28
N ILE A 544 -23.99 -33.50 12.67
CA ILE A 544 -23.22 -32.52 13.45
C ILE A 544 -23.88 -31.16 13.53
N SER A 545 -25.17 -31.06 13.21
CA SER A 545 -25.85 -29.77 13.27
C SER A 545 -26.00 -29.32 14.71
N ASN A 546 -26.11 -28.00 14.89
CA ASN A 546 -26.29 -27.33 16.19
C ASN A 546 -25.11 -27.56 17.14
N SER A 547 -23.91 -27.81 16.61
CA SER A 547 -22.72 -28.03 17.43
C SER A 547 -21.67 -27.01 17.00
N THR A 548 -21.41 -26.03 17.86
CA THR A 548 -20.38 -25.03 17.58
C THR A 548 -18.97 -25.59 17.78
N GLU A 549 -18.81 -26.58 18.66
CA GLU A 549 -17.49 -27.16 18.89
C GLU A 549 -16.95 -27.82 17.63
N ALA A 550 -17.79 -28.57 16.90
CA ALA A 550 -17.35 -29.20 15.66
C ALA A 550 -16.96 -28.15 14.62
N GLY A 551 -17.76 -27.08 14.51
CA GLY A 551 -17.42 -26.02 13.58
C GLY A 551 -16.11 -25.34 13.92
N GLN A 552 -15.85 -25.09 15.21
CA GLN A 552 -14.59 -24.48 15.61
C GLN A 552 -13.41 -25.42 15.33
N LYS A 553 -13.58 -26.71 15.64
CA LYS A 553 -12.50 -27.67 15.40
C LYS A 553 -12.19 -27.78 13.91
N LEU A 554 -13.21 -27.72 13.07
CA LEU A 554 -12.96 -27.72 11.63
C LEU A 554 -12.29 -26.43 11.17
N PHE A 555 -12.79 -25.28 11.63
CA PHE A 555 -12.25 -24.00 11.20
C PHE A 555 -10.79 -23.84 11.59
N ASN A 556 -10.38 -24.43 12.72
CA ASN A 556 -8.98 -24.35 13.12
C ASN A 556 -8.05 -24.92 12.06
N MET A 557 -8.41 -26.06 11.47
CA MET A 557 -7.61 -26.62 10.38
C MET A 557 -7.85 -25.86 9.08
N LEU A 558 -9.08 -25.43 8.83
CA LEU A 558 -9.40 -24.81 7.55
C LEU A 558 -8.63 -23.51 7.35
N ARG A 559 -8.40 -22.76 8.44
CA ARG A 559 -7.75 -21.46 8.30
C ARG A 559 -6.26 -21.56 7.99
N LEU A 560 -5.64 -22.72 8.16
CA LEU A 560 -4.19 -22.82 8.01
C LEU A 560 -3.75 -22.71 6.55
N GLY A 561 -4.40 -23.43 5.64
CA GLY A 561 -3.93 -23.45 4.27
C GLY A 561 -2.67 -24.30 4.15
N LYS A 562 -1.77 -23.88 3.25
CA LYS A 562 -0.49 -24.56 3.07
C LYS A 562 0.62 -23.98 3.92
N SER A 563 0.30 -23.06 4.83
CA SER A 563 1.32 -22.42 5.65
C SER A 563 2.01 -23.40 6.59
N GLU A 564 1.43 -24.57 6.83
CA GLU A 564 1.97 -25.57 7.73
C GLU A 564 2.03 -26.92 7.02
N PRO A 565 2.91 -27.83 7.49
CA PRO A 565 2.94 -29.18 6.91
C PRO A 565 1.61 -29.89 7.09
N TRP A 566 1.30 -30.76 6.13
CA TRP A 566 0.00 -31.43 6.12
C TRP A 566 -0.20 -32.31 7.34
N THR A 567 0.88 -32.82 7.93
CA THR A 567 0.76 -33.62 9.14
C THR A 567 0.18 -32.80 10.29
N LEU A 568 0.65 -31.56 10.45
CA LEU A 568 0.15 -30.71 11.51
C LEU A 568 -1.32 -30.34 11.27
N ALA A 569 -1.68 -30.06 10.03
CA ALA A 569 -3.08 -29.76 9.72
C ALA A 569 -3.98 -30.95 10.01
N LEU A 570 -3.52 -32.16 9.68
CA LEU A 570 -4.29 -33.36 10.01
C LEU A 570 -4.41 -33.54 11.52
N GLU A 571 -3.33 -33.29 12.25
CA GLU A 571 -3.37 -33.41 13.71
C GLU A 571 -4.31 -32.40 14.34
N ASN A 572 -4.46 -31.22 13.72
CA ASN A 572 -5.34 -30.19 14.28
C ASN A 572 -6.76 -30.69 14.43
N VAL A 573 -7.21 -31.57 13.53
CA VAL A 573 -8.56 -32.12 13.62
C VAL A 573 -8.58 -33.49 14.28
N VAL A 574 -7.73 -34.40 13.83
CA VAL A 574 -7.80 -35.80 14.24
C VAL A 574 -7.00 -36.10 15.49
N GLY A 575 -5.91 -35.38 15.74
CA GLY A 575 -5.03 -35.70 16.86
C GLY A 575 -3.90 -36.65 16.54
N ALA A 576 -3.83 -37.16 15.31
CA ALA A 576 -2.74 -38.00 14.87
C ALA A 576 -2.15 -37.39 13.60
N LYS A 577 -0.84 -37.59 13.42
CA LYS A 577 -0.10 -36.99 12.32
C LYS A 577 0.14 -37.94 11.17
N ASN A 578 -0.56 -39.08 11.12
CA ASN A 578 -0.36 -40.04 10.05
C ASN A 578 -1.72 -40.50 9.52
N MET A 579 -1.71 -40.95 8.27
CA MET A 579 -2.92 -41.47 7.64
C MET A 579 -3.35 -42.76 8.32
N ASN A 580 -4.64 -42.86 8.63
CA ASN A 580 -5.17 -43.95 9.44
C ASN A 580 -6.38 -44.56 8.75
N VAL A 581 -6.60 -45.85 8.96
CA VAL A 581 -7.68 -46.55 8.26
C VAL A 581 -8.72 -47.16 9.20
N ARG A 582 -8.45 -47.20 10.50
CA ARG A 582 -9.44 -47.72 11.44
C ARG A 582 -10.80 -47.01 11.37
N PRO A 583 -10.88 -45.68 11.19
CA PRO A 583 -12.22 -45.06 11.07
C PRO A 583 -13.09 -45.66 9.97
N LEU A 584 -12.50 -46.04 8.84
CA LEU A 584 -13.29 -46.66 7.77
C LEU A 584 -13.90 -47.98 8.23
N LEU A 585 -13.11 -48.80 8.90
CA LEU A 585 -13.62 -50.07 9.41
C LEU A 585 -14.68 -49.85 10.47
N ASN A 586 -14.49 -48.84 11.33
CA ASN A 586 -15.50 -48.53 12.34
C ASN A 586 -16.79 -48.08 11.67
N TYR A 587 -16.69 -47.33 10.57
CA TYR A 587 -17.86 -46.91 9.83
C TYR A 587 -18.60 -48.10 9.23
N PHE A 588 -17.86 -49.07 8.69
CA PHE A 588 -18.47 -50.19 7.96
C PHE A 588 -18.63 -51.45 8.81
N GLU A 589 -18.43 -51.36 10.13
CA GLU A 589 -18.56 -52.54 10.98
C GLU A 589 -19.88 -53.29 10.86
N PRO A 590 -21.07 -52.65 10.91
CA PRO A 590 -22.31 -53.45 10.80
C PRO A 590 -22.41 -54.24 9.52
N LEU A 591 -22.00 -53.66 8.39
CA LEU A 591 -22.02 -54.39 7.13
C LEU A 591 -21.00 -55.53 7.14
N PHE A 592 -19.86 -55.32 7.79
CA PHE A 592 -18.88 -56.39 7.92
C PHE A 592 -19.45 -57.57 8.70
N THR A 593 -20.16 -57.27 9.80
CA THR A 593 -20.81 -58.34 10.56
C THR A 593 -21.84 -59.07 9.73
N TRP A 594 -22.67 -58.32 8.98
CA TRP A 594 -23.67 -58.96 8.13
C TRP A 594 -23.01 -59.83 7.07
N LEU A 595 -21.92 -59.36 6.46
CA LEU A 595 -21.23 -60.12 5.44
C LEU A 595 -20.62 -61.40 6.01
N LYS A 596 -20.03 -61.31 7.22
CA LYS A 596 -19.50 -62.49 7.86
C LYS A 596 -20.59 -63.50 8.16
N ASP A 597 -21.76 -63.04 8.59
CA ASP A 597 -22.88 -63.95 8.81
C ASP A 597 -23.36 -64.58 7.50
N GLN A 598 -23.32 -63.81 6.41
CA GLN A 598 -23.84 -64.32 5.14
C GLN A 598 -22.87 -65.30 4.48
N ASN A 599 -21.57 -65.14 4.70
CA ASN A 599 -20.57 -65.92 3.99
C ASN A 599 -20.05 -67.10 4.80
N LYS A 600 -20.89 -67.75 5.60
CA LYS A 600 -20.43 -68.91 6.36
C LYS A 600 -20.28 -70.14 5.47
N ASN A 601 -21.09 -70.22 4.41
CA ASN A 601 -21.12 -71.39 3.53
C ASN A 601 -20.47 -71.11 2.18
N SER A 602 -19.40 -70.33 2.18
CA SER A 602 -18.69 -69.98 0.95
C SER A 602 -17.20 -70.04 1.19
N PHE A 603 -16.44 -69.62 0.17
CA PHE A 603 -14.99 -69.65 0.23
C PHE A 603 -14.41 -68.24 0.26
N VAL A 604 -13.33 -68.06 1.03
CA VAL A 604 -12.61 -66.80 1.11
C VAL A 604 -11.30 -66.97 0.36
N GLY A 605 -11.06 -66.10 -0.61
CA GLY A 605 -9.90 -66.20 -1.48
C GLY A 605 -10.30 -66.25 -2.94
N TRP A 606 -9.29 -66.44 -3.79
CA TRP A 606 -9.53 -66.50 -5.23
C TRP A 606 -8.53 -67.45 -5.88
N SER A 607 -8.84 -67.86 -7.10
CA SER A 607 -7.93 -68.66 -7.90
C SER A 607 -7.35 -67.83 -9.03
N THR A 608 -6.03 -67.77 -9.10
CA THR A 608 -5.34 -66.93 -10.07
C THR A 608 -5.11 -67.61 -11.41
N ASP A 609 -5.45 -68.89 -11.54
CA ASP A 609 -5.26 -69.61 -12.80
C ASP A 609 -6.52 -69.74 -13.61
N TRP A 610 -7.69 -69.68 -12.99
CA TRP A 610 -8.95 -69.81 -13.71
C TRP A 610 -9.18 -68.62 -14.63
N SER A 611 -9.70 -68.89 -15.81
CA SER A 611 -10.00 -67.85 -16.79
C SER A 611 -11.25 -68.25 -17.55
N PRO A 612 -12.16 -67.31 -17.82
CA PRO A 612 -13.38 -67.66 -18.56
C PRO A 612 -13.13 -68.13 -19.98
N TYR A 613 -11.98 -67.78 -20.58
CA TYR A 613 -11.66 -68.19 -21.93
C TYR A 613 -10.91 -69.52 -22.00
N ALA A 614 -10.62 -70.11 -20.84
CA ALA A 614 -9.90 -71.39 -20.76
C ALA A 614 -8.57 -71.34 -21.49
N THR B 15 -22.54 34.86 11.44
CA THR B 15 -23.30 33.61 11.61
C THR B 15 -23.36 32.83 10.31
N ASN B 16 -22.24 32.20 9.95
CA ASN B 16 -22.13 31.40 8.74
C ASN B 16 -21.78 29.97 9.09
N LEU B 17 -22.51 29.01 8.51
CA LEU B 17 -22.29 27.61 8.79
C LEU B 17 -21.05 27.10 8.06
N CYS B 18 -20.40 26.11 8.66
CA CYS B 18 -19.20 25.53 8.07
C CYS B 18 -19.54 24.79 6.79
N PRO B 19 -18.69 24.88 5.77
CA PRO B 19 -18.87 24.06 4.56
C PRO B 19 -18.27 22.67 4.74
N PHE B 20 -19.13 21.67 4.88
CA PHE B 20 -18.72 20.28 4.78
C PHE B 20 -19.11 19.64 3.45
N GLY B 21 -19.78 20.38 2.57
CA GLY B 21 -19.99 19.92 1.21
C GLY B 21 -18.75 19.99 0.35
N GLU B 22 -17.68 20.62 0.84
CA GLU B 22 -16.41 20.67 0.15
C GLU B 22 -15.47 19.55 0.56
N VAL B 23 -15.72 18.91 1.71
CA VAL B 23 -14.94 17.76 2.15
C VAL B 23 -15.71 16.45 1.96
N PHE B 24 -16.96 16.39 2.40
CA PHE B 24 -17.74 15.17 2.26
C PHE B 24 -18.37 15.07 0.88
N ASN B 25 -19.10 16.10 0.47
CA ASN B 25 -19.71 16.11 -0.84
C ASN B 25 -18.72 16.57 -1.90
N ALA B 26 -17.55 15.94 -1.92
CA ALA B 26 -16.49 16.27 -2.88
C ALA B 26 -16.54 15.30 -4.04
N THR B 27 -16.55 15.84 -5.26
CA THR B 27 -16.60 14.99 -6.44
C THR B 27 -15.35 14.14 -6.59
N ARG B 28 -14.19 14.67 -6.22
CA ARG B 28 -12.93 13.97 -6.35
C ARG B 28 -12.22 13.93 -5.00
N PHE B 29 -11.73 12.74 -4.63
CA PHE B 29 -10.94 12.55 -3.42
C PHE B 29 -9.48 12.30 -3.79
N ALA B 30 -8.62 12.33 -2.78
CA ALA B 30 -7.19 12.23 -2.98
C ALA B 30 -6.68 10.83 -2.62
N SER B 31 -5.50 10.51 -3.16
CA SER B 31 -4.86 9.25 -2.84
C SER B 31 -4.31 9.26 -1.42
N VAL B 32 -4.03 8.07 -0.90
CA VAL B 32 -3.61 7.96 0.50
C VAL B 32 -2.20 8.51 0.69
N TYR B 33 -1.34 8.42 -0.32
CA TYR B 33 -0.01 8.98 -0.20
C TYR B 33 0.01 10.47 -0.50
N ALA B 34 -1.10 11.02 -1.00
CA ALA B 34 -1.25 12.44 -1.31
C ALA B 34 -2.59 12.95 -0.78
N TRP B 35 -2.90 12.60 0.46
CA TRP B 35 -4.15 12.98 1.08
C TRP B 35 -4.29 14.50 1.14
N ASN B 36 -5.51 14.98 0.95
CA ASN B 36 -5.71 16.43 0.89
C ASN B 36 -6.14 16.97 2.25
N ARG B 37 -5.78 18.23 2.49
CA ARG B 37 -6.00 18.90 3.77
C ARG B 37 -6.57 20.28 3.51
N LYS B 38 -7.60 20.65 4.26
CA LYS B 38 -8.11 22.02 4.18
C LYS B 38 -8.47 22.57 5.56
N ARG B 39 -8.50 23.89 5.62
CA ARG B 39 -8.71 24.66 6.84
C ARG B 39 -10.16 25.17 6.89
N ILE B 40 -10.77 25.10 8.06
CA ILE B 40 -12.11 25.62 8.28
C ILE B 40 -12.06 26.58 9.47
N SER B 41 -12.58 27.79 9.27
CA SER B 41 -12.55 28.81 10.32
C SER B 41 -13.71 29.77 10.12
N ASN B 42 -14.04 30.49 11.19
CA ASN B 42 -15.14 31.45 11.21
C ASN B 42 -16.45 30.78 10.77
N CYS B 43 -16.88 29.80 11.57
CA CYS B 43 -18.00 28.96 11.20
C CYS B 43 -18.88 28.72 12.43
N VAL B 44 -20.08 28.21 12.18
CA VAL B 44 -21.05 27.89 13.23
C VAL B 44 -21.24 26.38 13.19
N ALA B 45 -20.14 25.66 12.93
CA ALA B 45 -20.16 24.22 12.74
C ALA B 45 -20.84 23.49 13.90
N ASP B 46 -21.77 22.61 13.56
CA ASP B 46 -22.47 21.78 14.53
C ASP B 46 -22.07 20.33 14.27
N TYR B 47 -21.58 19.65 15.31
CA TYR B 47 -21.13 18.27 15.18
C TYR B 47 -22.24 17.25 15.34
N SER B 48 -23.45 17.68 15.72
CA SER B 48 -24.55 16.74 15.90
C SER B 48 -25.13 16.29 14.56
N VAL B 49 -25.05 17.13 13.53
CA VAL B 49 -25.65 16.80 12.24
C VAL B 49 -24.96 15.59 11.63
N LEU B 50 -23.62 15.59 11.61
CA LEU B 50 -22.89 14.48 11.02
C LEU B 50 -23.09 13.19 11.81
N TYR B 51 -23.01 13.28 13.14
CA TYR B 51 -23.11 12.08 13.97
C TYR B 51 -24.52 11.53 13.99
N ASN B 52 -25.51 12.34 13.63
CA ASN B 52 -26.92 11.92 13.61
C ASN B 52 -27.47 11.92 12.18
N SER B 53 -26.65 11.53 11.21
CA SER B 53 -27.09 11.43 9.82
C SER B 53 -27.45 10.01 9.40
N ALA B 54 -26.99 9.00 10.16
CA ALA B 54 -27.30 7.59 9.89
C ALA B 54 -26.92 7.20 8.47
N SER B 55 -25.76 7.68 8.01
CA SER B 55 -25.27 7.36 6.68
C SER B 55 -23.77 7.10 6.63
N PHE B 56 -23.10 6.97 7.77
CA PHE B 56 -21.66 6.76 7.82
C PHE B 56 -21.37 5.42 8.49
N SER B 57 -20.49 4.63 7.87
CA SER B 57 -20.18 3.31 8.40
C SER B 57 -19.35 3.38 9.67
N THR B 58 -18.33 4.23 9.69
CA THR B 58 -17.41 4.33 10.81
C THR B 58 -17.36 5.77 11.31
N PHE B 59 -17.49 5.96 12.63
CA PHE B 59 -17.44 7.27 13.26
C PHE B 59 -16.87 7.09 14.66
N LYS B 60 -15.57 7.36 14.81
CA LYS B 60 -14.89 7.16 16.09
C LYS B 60 -14.11 8.42 16.46
N CYS B 61 -14.34 8.92 17.67
CA CYS B 61 -13.68 10.12 18.15
C CYS B 61 -12.80 9.79 19.35
N TYR B 62 -11.56 10.28 19.32
CA TYR B 62 -10.59 10.02 20.37
C TYR B 62 -10.32 11.32 21.12
N GLY B 63 -10.31 11.25 22.45
CA GLY B 63 -10.07 12.41 23.27
C GLY B 63 -11.34 13.14 23.67
N VAL B 64 -12.21 13.40 22.71
CA VAL B 64 -13.49 14.07 22.96
C VAL B 64 -14.61 13.10 22.61
N SER B 65 -15.78 13.34 23.23
CA SER B 65 -16.94 12.49 22.98
C SER B 65 -17.89 13.19 22.02
N PRO B 66 -18.44 12.49 21.02
CA PRO B 66 -19.36 13.15 20.09
C PRO B 66 -20.77 13.30 20.60
N THR B 67 -21.10 12.70 21.75
CA THR B 67 -22.48 12.65 22.24
C THR B 67 -22.88 14.01 22.79
N LYS B 68 -23.31 14.89 21.89
CA LYS B 68 -23.81 16.23 22.23
C LYS B 68 -22.76 17.05 22.96
N LEU B 69 -21.54 17.07 22.40
CA LEU B 69 -20.47 17.95 22.87
C LEU B 69 -20.17 19.02 21.83
N ASN B 70 -21.21 19.57 21.22
CA ASN B 70 -21.07 20.60 20.19
C ASN B 70 -20.99 22.01 20.77
N ASP B 71 -20.57 22.16 22.02
CA ASP B 71 -20.47 23.46 22.69
C ASP B 71 -19.03 23.78 23.05
N LEU B 72 -18.10 23.52 22.15
CA LEU B 72 -16.69 23.77 22.37
C LEU B 72 -16.13 24.67 21.28
N CYS B 73 -15.15 25.48 21.67
CA CYS B 73 -14.49 26.43 20.77
C CYS B 73 -13.07 25.97 20.49
N PHE B 74 -12.61 26.20 19.27
CA PHE B 74 -11.26 25.85 18.86
C PHE B 74 -10.71 26.93 17.93
N THR B 75 -9.39 27.00 17.85
CA THR B 75 -8.74 27.98 16.99
C THR B 75 -8.94 27.64 15.51
N ASN B 76 -8.73 26.38 15.15
CA ASN B 76 -8.78 26.00 13.74
C ASN B 76 -9.25 24.56 13.62
N VAL B 77 -9.76 24.22 12.43
CA VAL B 77 -10.22 22.88 12.11
C VAL B 77 -9.50 22.42 10.85
N TYR B 78 -8.84 21.27 10.93
CA TYR B 78 -8.18 20.64 9.79
C TYR B 78 -9.00 19.44 9.36
N ALA B 79 -9.43 19.44 8.09
CA ALA B 79 -10.14 18.32 7.49
C ALA B 79 -9.22 17.64 6.51
N ASP B 80 -8.95 16.36 6.74
CA ASP B 80 -8.03 15.56 5.93
C ASP B 80 -8.80 14.45 5.26
N SER B 81 -8.77 14.40 3.93
CA SER B 81 -9.58 13.44 3.19
C SER B 81 -8.71 12.60 2.27
N PHE B 82 -9.08 11.32 2.14
CA PHE B 82 -8.44 10.40 1.22
C PHE B 82 -9.35 9.18 1.04
N VAL B 83 -8.87 8.18 0.30
CA VAL B 83 -9.60 6.96 0.00
C VAL B 83 -8.68 5.77 0.17
N ILE B 84 -9.16 4.73 0.84
CA ILE B 84 -8.40 3.48 1.01
C ILE B 84 -9.33 2.31 0.73
N ARG B 85 -8.88 1.09 0.98
CA ARG B 85 -9.76 -0.06 0.87
C ARG B 85 -10.32 -0.43 2.24
N GLY B 86 -11.32 -1.33 2.24
CA GLY B 86 -12.08 -1.58 3.45
C GLY B 86 -11.24 -2.17 4.57
N ASP B 87 -10.44 -3.20 4.25
CA ASP B 87 -9.62 -3.85 5.26
C ASP B 87 -8.60 -2.91 5.88
N GLU B 88 -8.29 -1.80 5.20
CA GLU B 88 -7.34 -0.82 5.72
C GLU B 88 -8.02 0.30 6.49
N VAL B 89 -9.35 0.32 6.55
CA VAL B 89 -10.04 1.40 7.25
C VAL B 89 -9.69 1.40 8.74
N ARG B 90 -9.51 0.22 9.32
CA ARG B 90 -9.11 0.14 10.73
C ARG B 90 -7.69 0.66 10.96
N GLN B 91 -6.89 0.79 9.90
CA GLN B 91 -5.52 1.28 10.07
C GLN B 91 -5.45 2.78 10.34
N ILE B 92 -6.52 3.52 10.08
CA ILE B 92 -6.54 4.97 10.32
C ILE B 92 -6.99 5.16 11.76
N ALA B 93 -6.04 5.04 12.68
CA ALA B 93 -6.29 5.15 14.11
C ALA B 93 -4.95 5.25 14.82
N PRO B 94 -4.92 5.86 16.00
CA PRO B 94 -3.68 5.90 16.78
C PRO B 94 -3.18 4.50 17.11
N GLY B 95 -1.86 4.34 17.04
CA GLY B 95 -1.24 3.05 17.36
C GLY B 95 -1.61 1.92 16.43
N GLN B 96 -1.57 2.17 15.12
CA GLN B 96 -1.89 1.15 14.13
C GLN B 96 -0.67 0.90 13.24
N THR B 97 -0.60 -0.32 12.71
CA THR B 97 0.55 -0.76 11.93
C THR B 97 0.07 -1.39 10.63
N GLY B 98 0.84 -1.14 9.56
CA GLY B 98 0.55 -1.67 8.25
C GLY B 98 1.21 -0.85 7.16
N LYS B 99 0.99 -1.21 5.90
CA LYS B 99 1.57 -0.44 4.81
C LYS B 99 1.04 0.99 4.80
N ILE B 100 -0.27 1.14 4.97
CA ILE B 100 -0.88 2.47 5.00
C ILE B 100 -0.41 3.25 6.23
N ALA B 101 -0.37 2.59 7.39
CA ALA B 101 -0.03 3.28 8.62
C ALA B 101 1.44 3.68 8.66
N ASP B 102 2.31 2.91 8.02
CA ASP B 102 3.74 3.17 8.10
C ASP B 102 4.30 3.97 6.93
N TYR B 103 3.68 3.89 5.75
CA TYR B 103 4.23 4.52 4.56
C TYR B 103 3.34 5.57 3.92
N ASN B 104 2.05 5.64 4.26
CA ASN B 104 1.14 6.54 3.58
C ASN B 104 0.51 7.58 4.50
N TYR B 105 -0.13 7.16 5.60
CA TYR B 105 -0.82 8.08 6.49
C TYR B 105 -0.52 7.70 7.92
N LYS B 106 -0.30 8.70 8.78
CA LYS B 106 0.05 8.48 10.18
C LYS B 106 -0.71 9.44 11.07
N LEU B 107 -1.05 8.96 12.28
CA LEU B 107 -1.71 9.76 13.30
C LEU B 107 -0.90 9.70 14.60
N PRO B 108 -0.86 10.79 15.36
CA PRO B 108 -0.06 10.79 16.59
C PRO B 108 -0.66 9.89 17.66
N ASP B 109 0.21 9.46 18.58
CA ASP B 109 -0.24 8.62 19.69
C ASP B 109 -1.22 9.36 20.59
N ASP B 110 -0.97 10.64 20.85
CA ASP B 110 -1.84 11.47 21.69
C ASP B 110 -2.88 12.21 20.86
N PHE B 111 -3.30 11.62 19.75
CA PHE B 111 -4.22 12.28 18.84
C PHE B 111 -5.58 12.49 19.49
N THR B 112 -6.11 13.71 19.35
CA THR B 112 -7.48 14.02 19.74
C THR B 112 -8.21 14.55 18.52
N GLY B 113 -9.29 13.89 18.15
CA GLY B 113 -10.02 14.23 16.94
C GLY B 113 -10.87 13.06 16.50
N CYS B 114 -11.56 13.27 15.37
CA CYS B 114 -12.55 12.30 14.91
C CYS B 114 -12.16 11.71 13.57
N VAL B 115 -12.57 10.45 13.37
CA VAL B 115 -12.33 9.72 12.13
C VAL B 115 -13.68 9.21 11.62
N ILE B 116 -14.00 9.54 10.38
CA ILE B 116 -15.26 9.17 9.75
C ILE B 116 -14.92 8.44 8.45
N ALA B 117 -15.65 7.38 8.16
CA ALA B 117 -15.40 6.56 6.99
C ALA B 117 -16.71 6.04 6.43
N TRP B 118 -16.87 6.15 5.11
CA TRP B 118 -18.07 5.65 4.45
C TRP B 118 -17.72 4.94 3.15
N ASN B 119 -18.56 3.97 2.79
CA ASN B 119 -18.34 3.19 1.58
C ASN B 119 -18.47 4.05 0.34
N SER B 120 -17.68 3.72 -0.67
CA SER B 120 -17.68 4.44 -1.94
C SER B 120 -17.59 3.48 -3.11
N ASN B 121 -18.15 2.28 -2.95
CA ASN B 121 -18.15 1.31 -4.04
C ASN B 121 -18.95 1.81 -5.24
N ASN B 122 -20.07 2.47 -4.98
CA ASN B 122 -20.93 2.96 -6.06
C ASN B 122 -20.33 4.15 -6.79
N LEU B 123 -19.25 4.73 -6.30
CA LEU B 123 -18.62 5.89 -6.93
C LEU B 123 -17.16 5.70 -7.28
N ASP B 124 -16.43 4.87 -6.53
CA ASP B 124 -14.99 4.71 -6.72
C ASP B 124 -14.61 3.32 -7.21
N SER B 125 -15.54 2.55 -7.75
CA SER B 125 -15.27 1.25 -8.32
C SER B 125 -15.74 1.22 -9.76
N LYS B 126 -14.94 0.63 -10.64
CA LYS B 126 -15.23 0.62 -12.07
C LYS B 126 -15.05 -0.79 -12.61
N VAL B 127 -15.82 -1.11 -13.65
CA VAL B 127 -15.69 -2.40 -14.31
C VAL B 127 -14.37 -2.47 -15.04
N GLY B 128 -13.62 -3.54 -14.81
CA GLY B 128 -12.29 -3.69 -15.36
C GLY B 128 -11.18 -3.18 -14.47
N GLY B 129 -11.51 -2.49 -13.38
CA GLY B 129 -10.50 -2.01 -12.45
C GLY B 129 -10.22 -0.53 -12.57
N ASN B 130 -10.43 0.20 -11.48
CA ASN B 130 -10.08 1.62 -11.40
C ASN B 130 -8.75 1.74 -10.69
N TYR B 131 -7.71 2.15 -11.42
CA TYR B 131 -6.34 2.18 -10.92
C TYR B 131 -5.85 3.61 -10.70
N ASN B 132 -6.77 4.52 -10.36
CA ASN B 132 -6.43 5.92 -10.15
C ASN B 132 -5.98 6.21 -8.73
N TYR B 133 -6.05 5.24 -7.83
CA TYR B 133 -5.66 5.40 -6.43
C TYR B 133 -4.38 4.61 -6.18
N LEU B 134 -3.40 5.25 -5.56
CA LEU B 134 -2.07 4.68 -5.37
C LEU B 134 -1.69 4.74 -3.90
N TYR B 135 -0.80 3.82 -3.51
CA TYR B 135 -0.25 3.80 -2.16
C TYR B 135 1.22 3.42 -2.24
N ARG B 136 2.00 3.90 -1.27
CA ARG B 136 3.42 3.61 -1.21
C ARG B 136 3.63 2.24 -0.58
N LEU B 137 4.42 1.40 -1.25
CA LEU B 137 4.65 0.03 -0.79
C LEU B 137 6.01 -0.17 -0.13
N PHE B 138 7.02 0.58 -0.54
CA PHE B 138 8.34 0.47 0.05
C PHE B 138 8.85 1.85 0.46
N ARG B 139 9.52 1.90 1.61
CA ARG B 139 10.16 3.11 2.08
C ARG B 139 11.30 2.72 3.01
N LYS B 140 12.32 3.59 3.07
CA LYS B 140 13.48 3.30 3.90
C LYS B 140 13.14 3.34 5.39
N SER B 141 12.13 4.13 5.78
CA SER B 141 11.74 4.25 7.18
C SER B 141 10.28 4.65 7.25
N ASN B 142 9.71 4.50 8.44
CA ASN B 142 8.32 4.86 8.68
C ASN B 142 8.15 6.37 8.74
N LEU B 143 6.92 6.82 8.54
CA LEU B 143 6.63 8.25 8.56
C LEU B 143 6.37 8.74 9.99
N LYS B 144 6.40 10.05 10.14
CA LYS B 144 6.00 10.78 11.33
C LYS B 144 4.54 11.17 11.23
N PRO B 145 3.90 11.53 12.35
CA PRO B 145 2.51 11.96 12.29
C PRO B 145 2.33 13.17 11.37
N PHE B 146 1.26 13.12 10.56
CA PHE B 146 0.93 14.18 9.61
C PHE B 146 2.04 14.43 8.60
N GLU B 147 2.84 13.41 8.31
CA GLU B 147 3.89 13.54 7.30
C GLU B 147 3.35 13.10 5.94
N ARG B 148 3.68 13.88 4.92
CA ARG B 148 3.21 13.63 3.56
C ARG B 148 4.42 13.55 2.64
N ASP B 149 4.65 12.36 2.08
CA ASP B 149 5.78 12.12 1.18
C ASP B 149 5.25 11.83 -0.22
N ILE B 150 5.81 12.53 -1.21
CA ILE B 150 5.39 12.37 -2.59
C ILE B 150 6.60 12.09 -3.48
N SER B 151 7.66 11.55 -2.88
CA SER B 151 8.88 11.24 -3.62
C SER B 151 8.67 10.04 -4.54
N THR B 152 9.45 10.01 -5.63
CA THR B 152 9.32 8.98 -6.65
C THR B 152 10.66 8.25 -6.84
N GLU B 153 11.61 8.46 -5.93
CA GLU B 153 12.90 7.80 -6.03
C GLU B 153 12.75 6.29 -5.88
N ILE B 154 13.45 5.55 -6.73
CA ILE B 154 13.31 4.09 -6.75
C ILE B 154 13.97 3.48 -5.51
N TYR B 155 13.50 2.30 -5.13
CA TYR B 155 13.90 1.64 -3.90
C TYR B 155 15.00 0.63 -4.18
N GLN B 156 16.13 0.79 -3.48
CA GLN B 156 17.27 -0.11 -3.61
C GLN B 156 17.15 -1.20 -2.55
N ALA B 157 16.78 -2.40 -2.97
CA ALA B 157 16.63 -3.53 -2.07
C ALA B 157 17.91 -4.34 -1.91
N GLY B 158 18.94 -4.07 -2.72
CA GLY B 158 20.18 -4.78 -2.65
C GLY B 158 21.34 -3.91 -2.24
N SER B 159 22.55 -4.47 -2.34
CA SER B 159 23.77 -3.76 -1.99
C SER B 159 24.40 -3.03 -3.18
N THR B 160 23.82 -3.14 -4.37
CA THR B 160 24.38 -2.49 -5.54
C THR B 160 23.56 -1.26 -5.92
N PRO B 161 24.16 -0.22 -6.46
CA PRO B 161 23.37 0.94 -6.91
C PRO B 161 22.42 0.55 -8.03
N CYS B 162 21.24 1.18 -8.02
CA CYS B 162 20.24 0.89 -9.03
C CYS B 162 20.38 1.75 -10.28
N ASN B 163 21.20 2.80 -10.22
CA ASN B 163 21.48 3.67 -11.37
C ASN B 163 20.22 4.31 -11.92
N GLY B 164 19.20 4.47 -11.09
CA GLY B 164 17.97 5.12 -11.51
C GLY B 164 17.09 4.31 -12.42
N VAL B 165 17.31 2.99 -12.51
CA VAL B 165 16.51 2.12 -13.37
C VAL B 165 15.88 1.04 -12.51
N GLU B 166 14.73 0.53 -12.95
CA GLU B 166 13.99 -0.48 -12.20
C GLU B 166 14.26 -1.85 -12.83
N GLY B 167 15.30 -2.51 -12.33
CA GLY B 167 15.66 -3.82 -12.80
C GLY B 167 15.54 -4.89 -11.73
N PHE B 168 16.67 -5.44 -11.31
CA PHE B 168 16.72 -6.47 -10.29
C PHE B 168 17.03 -5.81 -8.95
N ASN B 169 16.20 -6.11 -7.94
CA ASN B 169 16.27 -5.44 -6.64
C ASN B 169 16.12 -3.93 -6.76
N CYS B 170 15.32 -3.49 -7.74
CA CYS B 170 15.04 -2.08 -7.96
C CYS B 170 13.56 -1.97 -8.32
N TYR B 171 12.78 -1.33 -7.46
CA TYR B 171 11.32 -1.31 -7.60
C TYR B 171 10.80 0.11 -7.57
N PHE B 172 9.67 0.31 -8.23
CA PHE B 172 8.91 1.55 -8.10
C PHE B 172 8.19 1.55 -6.74
N PRO B 173 8.40 2.56 -5.90
CA PRO B 173 7.85 2.49 -4.54
C PRO B 173 6.34 2.69 -4.47
N LEU B 174 5.69 3.11 -5.56
CA LEU B 174 4.26 3.38 -5.55
C LEU B 174 3.53 2.31 -6.37
N GLN B 175 2.44 1.78 -5.81
CA GLN B 175 1.63 0.76 -6.48
C GLN B 175 0.17 1.16 -6.41
N SER B 176 -0.57 0.79 -7.47
CA SER B 176 -1.94 1.25 -7.63
C SER B 176 -2.93 0.20 -7.14
N TYR B 177 -3.98 0.67 -6.47
CA TYR B 177 -5.08 -0.19 -6.07
C TYR B 177 -5.87 -0.64 -7.31
N GLY B 178 -6.54 -1.78 -7.17
CA GLY B 178 -7.48 -2.23 -8.18
C GLY B 178 -8.87 -2.39 -7.59
N PHE B 179 -9.80 -1.53 -8.01
CA PHE B 179 -11.13 -1.48 -7.43
C PHE B 179 -12.15 -1.91 -8.48
N GLN B 180 -12.91 -2.96 -8.15
CA GLN B 180 -13.96 -3.47 -9.03
CA GLN B 180 -13.96 -3.48 -9.02
C GLN B 180 -15.24 -3.65 -8.22
N PRO B 181 -16.40 -3.50 -8.86
CA PRO B 181 -17.67 -3.62 -8.11
C PRO B 181 -17.94 -5.02 -7.57
N THR B 182 -17.29 -6.05 -8.10
CA THR B 182 -17.55 -7.41 -7.68
C THR B 182 -16.64 -7.89 -6.56
N ASN B 183 -15.73 -7.05 -6.07
CA ASN B 183 -14.88 -7.44 -4.97
C ASN B 183 -15.67 -7.45 -3.67
N GLY B 184 -15.10 -8.08 -2.65
CA GLY B 184 -15.71 -8.11 -1.34
C GLY B 184 -15.59 -6.77 -0.63
N VAL B 185 -16.33 -6.66 0.48
CA VAL B 185 -16.33 -5.41 1.24
C VAL B 185 -14.95 -5.07 1.79
N GLY B 186 -14.09 -6.07 1.99
CA GLY B 186 -12.73 -5.79 2.42
C GLY B 186 -11.82 -5.27 1.33
N TYR B 187 -12.23 -5.40 0.07
CA TYR B 187 -11.46 -4.90 -1.07
C TYR B 187 -12.12 -3.72 -1.76
N GLN B 188 -13.30 -3.27 -1.26
CA GLN B 188 -14.01 -2.15 -1.85
C GLN B 188 -13.42 -0.82 -1.38
N PRO B 189 -13.50 0.22 -2.20
CA PRO B 189 -13.02 1.54 -1.78
C PRO B 189 -13.87 2.13 -0.66
N TYR B 190 -13.24 2.99 0.14
CA TYR B 190 -13.86 3.62 1.29
C TYR B 190 -13.23 5.01 1.45
N ARG B 191 -14.09 6.03 1.55
CA ARG B 191 -13.63 7.39 1.73
C ARG B 191 -13.51 7.70 3.22
N VAL B 192 -12.38 8.31 3.59
CA VAL B 192 -12.03 8.57 4.98
C VAL B 192 -11.76 10.06 5.14
N VAL B 193 -12.36 10.64 6.18
CA VAL B 193 -12.17 12.04 6.56
C VAL B 193 -11.78 12.08 8.04
N VAL B 194 -10.66 12.74 8.34
CA VAL B 194 -10.17 12.91 9.69
C VAL B 194 -10.30 14.40 10.04
N LEU B 195 -10.98 14.68 11.15
CA LEU B 195 -11.15 16.04 11.66
C LEU B 195 -10.23 16.22 12.85
N SER B 196 -9.37 17.24 12.78
CA SER B 196 -8.46 17.59 13.86
C SER B 196 -8.71 19.03 14.30
N PHE B 197 -8.60 19.26 15.61
CA PHE B 197 -8.95 20.54 16.21
C PHE B 197 -7.70 21.18 16.82
N GLU B 198 -7.48 22.45 16.52
CA GLU B 198 -6.38 23.23 17.06
C GLU B 198 -6.91 24.33 17.96
N LEU B 199 -6.31 24.46 19.13
CA LEU B 199 -6.70 25.46 20.13
C LEU B 199 -5.48 26.29 20.50
N LEU B 200 -5.40 27.50 19.96
CA LEU B 200 -4.32 28.43 20.24
C LEU B 200 -4.79 29.45 21.26
N HIS B 201 -3.84 30.25 21.75
CA HIS B 201 -4.09 31.17 22.86
C HIS B 201 -4.45 32.56 22.33
N ALA B 202 -5.43 32.63 21.43
CA ALA B 202 -5.94 33.93 21.02
C ALA B 202 -7.31 33.85 20.35
N PRO B 203 -7.42 33.40 19.08
CA PRO B 203 -8.66 33.67 18.33
C PRO B 203 -9.85 32.81 18.73
N ALA B 204 -9.64 31.50 18.84
CA ALA B 204 -10.70 30.53 19.13
C ALA B 204 -11.92 30.78 18.24
N THR B 205 -11.66 30.91 16.94
CA THR B 205 -12.68 31.34 16.00
C THR B 205 -13.67 30.24 15.61
N VAL B 206 -13.35 28.99 15.87
CA VAL B 206 -14.22 27.88 15.51
C VAL B 206 -14.95 27.46 16.79
N CYS B 207 -16.12 28.06 17.01
CA CYS B 207 -16.96 27.71 18.16
C CYS B 207 -18.13 26.82 17.75
N GLY B 208 -18.97 27.29 16.84
CA GLY B 208 -20.14 26.56 16.42
C GLY B 208 -21.11 26.30 17.55
N PRO B 209 -21.77 27.37 18.03
CA PRO B 209 -22.72 27.26 19.15
C PRO B 209 -23.87 26.30 18.88
N GLN C 1 -2.35 35.35 23.29
CA GLN C 1 -1.17 35.87 23.97
C GLN C 1 0.06 35.02 23.65
N VAL C 2 0.12 34.48 22.44
CA VAL C 2 1.27 33.70 22.00
C VAL C 2 2.46 34.62 21.84
N GLN C 3 3.57 34.30 22.51
CA GLN C 3 4.74 35.17 22.53
C GLN C 3 6.01 34.36 22.44
N LEU C 4 7.02 34.94 21.78
CA LEU C 4 8.38 34.40 21.70
C LEU C 4 9.36 35.49 22.05
N GLN C 5 10.32 35.18 22.92
CA GLN C 5 11.34 36.14 23.32
C GLN C 5 12.72 35.54 23.14
N GLU C 6 13.60 36.27 22.47
CA GLU C 6 14.96 35.83 22.22
C GLU C 6 15.95 36.56 23.12
N SER C 7 17.09 35.91 23.36
CA SER C 7 18.13 36.47 24.21
C SER C 7 19.48 35.87 23.82
N GLY C 8 20.55 36.58 24.18
CA GLY C 8 21.90 36.14 23.92
C GLY C 8 22.71 37.02 22.99
N GLY C 9 22.11 38.07 22.43
CA GLY C 9 22.84 38.90 21.49
C GLY C 9 23.90 39.76 22.16
N GLY C 10 24.82 40.27 21.35
CA GLY C 10 25.89 41.10 21.86
C GLY C 10 26.98 41.26 20.83
N VAL C 11 28.15 41.69 21.32
CA VAL C 11 29.31 41.92 20.48
C VAL C 11 30.37 40.89 20.82
N VAL C 12 30.92 40.26 19.79
CA VAL C 12 31.90 39.19 19.96
C VAL C 12 33.00 39.38 18.93
N GLN C 13 34.23 39.01 19.32
CA GLN C 13 35.36 39.08 18.42
C GLN C 13 35.39 37.88 17.48
N PRO C 14 35.98 38.03 16.29
CA PRO C 14 36.00 36.91 15.34
C PRO C 14 36.77 35.72 15.89
N GLY C 15 36.31 34.53 15.51
CA GLY C 15 36.91 33.29 15.94
C GLY C 15 36.39 32.75 17.26
N ARG C 16 35.54 33.50 17.95
CA ARG C 16 34.98 33.06 19.22
C ARG C 16 33.65 32.35 18.99
N SER C 17 32.91 32.10 20.06
CA SER C 17 31.63 31.40 20.00
C SER C 17 30.57 32.20 20.74
N LEU C 18 29.31 31.89 20.44
CA LEU C 18 28.19 32.57 21.06
C LEU C 18 27.01 31.61 21.11
N ARG C 19 26.06 31.88 22.00
CA ARG C 19 24.94 30.97 22.18
C ARG C 19 23.67 31.78 22.40
N LEU C 20 22.66 31.52 21.56
CA LEU C 20 21.40 32.24 21.55
C LEU C 20 20.27 31.34 22.03
N SER C 21 19.28 31.93 22.70
CA SER C 21 18.14 31.19 23.23
C SER C 21 16.87 31.90 22.85
N CYS C 22 15.79 31.14 22.68
CA CYS C 22 14.45 31.70 22.52
C CYS C 22 13.47 30.90 23.35
N ALA C 23 12.63 31.61 24.11
CA ALA C 23 11.63 31.02 24.99
C ALA C 23 10.25 31.38 24.50
N ALA C 24 9.33 30.41 24.56
CA ALA C 24 8.00 30.55 24.00
C ALA C 24 6.94 30.41 25.09
N SER C 25 5.79 31.02 24.84
CA SER C 25 4.65 30.89 25.75
C SER C 25 3.37 31.02 24.96
N GLY C 26 2.40 30.17 25.28
CA GLY C 26 1.09 30.20 24.65
C GLY C 26 0.72 29.00 23.82
N PHE C 27 1.52 27.94 23.81
CA PHE C 27 1.20 26.75 23.05
C PHE C 27 2.04 25.59 23.58
N THR C 28 1.71 24.38 23.12
CA THR C 28 2.46 23.18 23.50
C THR C 28 3.73 23.13 22.67
N PHE C 29 4.88 23.26 23.33
CA PHE C 29 6.15 23.38 22.62
C PHE C 29 6.59 22.05 22.02
N SER C 30 6.12 20.94 22.59
CA SER C 30 6.67 19.64 22.25
C SER C 30 6.16 19.07 20.92
N ARG C 31 5.21 19.73 20.26
CA ARG C 31 4.60 19.19 19.06
C ARG C 31 4.86 20.04 17.81
N TYR C 32 5.82 20.96 17.86
CA TYR C 32 6.04 21.88 16.75
C TYR C 32 7.51 21.92 16.37
N GLY C 33 7.76 22.15 15.08
CA GLY C 33 9.12 22.37 14.61
C GLY C 33 9.52 23.82 14.73
N MET C 34 10.83 24.06 14.80
CA MET C 34 11.35 25.39 15.04
C MET C 34 12.44 25.73 14.03
N HIS C 35 12.51 27.02 13.69
CA HIS C 35 13.44 27.52 12.68
C HIS C 35 14.21 28.72 13.21
N TRP C 36 15.36 28.97 12.59
CA TRP C 36 16.14 30.17 12.84
C TRP C 36 16.28 30.98 11.55
N VAL C 37 16.03 32.28 11.62
CA VAL C 37 16.18 33.17 10.49
C VAL C 37 17.11 34.30 10.88
N ARG C 38 17.93 34.76 9.95
CA ARG C 38 18.82 35.88 10.22
C ARG C 38 18.76 36.88 9.07
N GLN C 39 18.80 38.16 9.43
CA GLN C 39 18.71 39.25 8.46
C GLN C 39 19.90 40.18 8.68
N ALA C 40 20.76 40.29 7.66
CA ALA C 40 21.90 41.17 7.74
C ALA C 40 21.44 42.63 7.65
N PRO C 41 22.21 43.56 8.23
CA PRO C 41 21.81 44.97 8.19
C PRO C 41 21.72 45.52 6.77
N GLY C 42 20.51 45.91 6.36
CA GLY C 42 20.29 46.48 5.05
C GLY C 42 19.98 45.49 3.95
N LYS C 43 19.98 44.20 4.24
CA LYS C 43 19.68 43.17 3.25
C LYS C 43 18.50 42.32 3.69
N GLY C 44 18.18 41.30 2.90
CA GLY C 44 17.00 40.50 3.11
C GLY C 44 17.16 39.40 4.12
N LEU C 45 16.12 38.57 4.23
CA LEU C 45 16.06 37.48 5.19
C LEU C 45 16.84 36.27 4.68
N GLU C 46 17.42 35.52 5.63
CA GLU C 46 18.19 34.32 5.31
C GLU C 46 17.86 33.23 6.32
N TRP C 47 17.60 32.03 5.82
CA TRP C 47 17.26 30.89 6.66
C TRP C 47 18.53 30.20 7.14
N VAL C 48 18.57 29.85 8.42
CA VAL C 48 19.80 29.37 9.07
C VAL C 48 19.72 27.88 9.38
N ALA C 49 18.77 27.47 10.22
CA ALA C 49 18.71 26.08 10.65
C ALA C 49 17.28 25.71 11.02
N VAL C 50 17.01 24.41 11.02
CA VAL C 50 15.69 23.88 11.35
C VAL C 50 15.85 22.65 12.23
N ILE C 51 14.97 22.52 13.22
CA ILE C 51 14.87 21.32 14.04
C ILE C 51 13.40 20.91 14.11
N TRP C 52 13.18 19.59 14.10
CA TRP C 52 11.83 19.04 14.06
C TRP C 52 11.20 19.07 15.46
N TYR C 53 9.98 18.53 15.54
CA TYR C 53 9.23 18.57 16.79
C TYR C 53 9.87 17.70 17.86
N ASP C 54 10.39 16.54 17.49
CA ASP C 54 11.00 15.62 18.44
C ASP C 54 12.52 15.62 18.40
N GLY C 55 13.13 16.50 17.59
CA GLY C 55 14.56 16.61 17.55
C GLY C 55 15.28 15.47 16.85
N SER C 56 14.57 14.63 16.10
CA SER C 56 15.22 13.51 15.43
C SER C 56 16.17 13.98 14.34
N ASN C 57 15.74 14.93 13.51
CA ASN C 57 16.53 15.42 12.40
C ASN C 57 16.78 16.91 12.54
N LYS C 58 18.04 17.30 12.34
CA LYS C 58 18.47 18.69 12.43
C LYS C 58 19.14 19.06 11.11
N TYR C 59 18.80 20.22 10.57
CA TYR C 59 19.35 20.62 9.28
C TYR C 59 19.84 22.06 9.31
N TYR C 60 20.88 22.32 8.52
CA TYR C 60 21.60 23.59 8.57
C TYR C 60 21.82 24.10 7.15
N ALA C 61 22.07 25.40 7.05
CA ALA C 61 22.41 26.00 5.77
C ALA C 61 23.87 25.70 5.42
N ASP C 62 24.18 25.82 4.13
CA ASP C 62 25.54 25.54 3.66
C ASP C 62 26.55 26.53 4.22
N SER C 63 26.18 27.82 4.32
CA SER C 63 27.11 28.84 4.77
C SER C 63 27.43 28.75 6.26
N VAL C 64 26.72 27.92 7.02
CA VAL C 64 26.95 27.80 8.44
C VAL C 64 27.16 26.34 8.83
N LYS C 65 27.22 25.46 7.84
CA LYS C 65 27.42 24.05 8.11
C LYS C 65 28.81 23.80 8.67
N GLY C 66 28.89 22.95 9.70
CA GLY C 66 30.13 22.66 10.36
C GLY C 66 30.51 23.62 11.47
N ARG C 67 29.76 24.70 11.65
CA ARG C 67 30.04 25.69 12.68
C ARG C 67 28.86 25.96 13.61
N PHE C 68 27.63 25.84 13.12
CA PHE C 68 26.44 26.17 13.89
C PHE C 68 25.72 24.88 14.29
N THR C 69 25.18 24.86 15.50
CA THR C 69 24.46 23.71 16.02
C THR C 69 23.14 24.16 16.63
N ILE C 70 22.05 23.51 16.22
CA ILE C 70 20.71 23.85 16.71
C ILE C 70 20.26 22.76 17.67
N SER C 71 19.46 23.15 18.66
CA SER C 71 18.93 22.19 19.62
C SER C 71 17.65 22.75 20.21
N ARG C 72 16.87 21.86 20.83
CA ARG C 72 15.64 22.27 21.51
C ARG C 72 15.54 21.57 22.85
N ASP C 73 15.04 22.28 23.85
CA ASP C 73 14.76 21.74 25.17
C ASP C 73 13.29 22.00 25.45
N ASN C 74 12.45 21.07 25.03
CA ASN C 74 11.01 21.19 25.22
C ASN C 74 10.56 20.81 26.63
N SER C 75 11.45 20.21 27.42
CA SER C 75 11.21 20.05 28.85
C SER C 75 11.34 21.36 29.61
N LYS C 76 12.07 22.33 29.05
CA LYS C 76 12.15 23.68 29.59
C LYS C 76 11.49 24.70 28.69
N ASN C 77 10.90 24.26 27.56
CA ASN C 77 10.18 25.12 26.63
C ASN C 77 11.08 26.23 26.08
N THR C 78 12.13 25.79 25.38
CA THR C 78 13.10 26.74 24.82
C THR C 78 13.84 26.11 23.66
N LEU C 79 14.47 26.96 22.85
CA LEU C 79 15.25 26.54 21.70
C LEU C 79 16.59 27.25 21.70
N TYR C 80 17.65 26.52 21.32
CA TYR C 80 19.02 26.98 21.49
C TYR C 80 19.76 26.92 20.16
N LEU C 81 20.67 27.87 19.95
CA LEU C 81 21.57 27.88 18.81
C LEU C 81 22.98 28.20 19.31
N GLN C 82 23.97 27.46 18.78
CA GLN C 82 25.36 27.64 19.15
C GLN C 82 26.14 27.99 17.89
N MET C 83 26.89 29.09 17.94
CA MET C 83 27.63 29.61 16.79
C MET C 83 29.12 29.56 17.10
N ASN C 84 29.89 28.90 16.23
CA ASN C 84 31.32 28.74 16.39
C ASN C 84 32.05 29.34 15.20
N SER C 85 33.30 29.76 15.43
CA SER C 85 34.16 30.33 14.40
C SER C 85 33.48 31.51 13.69
N LEU C 86 32.98 32.43 14.50
CA LEU C 86 32.23 33.57 14.00
C LEU C 86 33.12 34.49 13.18
N ARG C 87 32.58 35.03 12.10
CA ARG C 87 33.28 35.97 11.23
C ARG C 87 32.40 37.20 11.00
N ALA C 88 32.91 38.11 10.17
CA ALA C 88 32.23 39.39 9.93
C ALA C 88 30.96 39.26 9.10
N ASP C 89 30.74 38.11 8.47
CA ASP C 89 29.53 37.89 7.68
C ASP C 89 28.37 37.39 8.52
N ASP C 90 28.56 37.20 9.83
CA ASP C 90 27.54 36.70 10.73
C ASP C 90 26.87 37.81 11.54
N THR C 91 27.16 39.07 11.23
CA THR C 91 26.52 40.18 11.93
C THR C 91 25.11 40.39 11.38
N ALA C 92 24.10 40.20 12.22
CA ALA C 92 22.73 40.23 11.73
C ALA C 92 21.77 40.23 12.91
N VAL C 93 20.48 40.33 12.59
CA VAL C 93 19.40 40.20 13.56
C VAL C 93 18.80 38.81 13.41
N TYR C 94 18.64 38.11 14.54
CA TYR C 94 18.20 36.72 14.55
C TYR C 94 16.78 36.63 15.09
N TYR C 95 15.94 35.89 14.36
CA TYR C 95 14.56 35.60 14.73
C TYR C 95 14.40 34.10 14.95
N CYS C 96 13.74 33.73 16.06
CA CYS C 96 13.39 32.36 16.35
C CYS C 96 11.94 32.14 15.97
N ALA C 97 11.70 31.23 15.03
CA ALA C 97 10.41 31.13 14.34
C ALA C 97 9.71 29.82 14.65
N LYS C 98 8.40 29.92 14.87
CA LYS C 98 7.51 28.79 15.12
C LYS C 98 6.58 28.61 13.92
N GLN C 99 6.56 27.41 13.36
CA GLN C 99 5.84 27.14 12.14
C GLN C 99 4.39 26.77 12.40
N GLU C 100 3.56 26.96 11.38
CA GLU C 100 2.13 26.74 11.48
C GLU C 100 1.80 25.26 11.27
N GLY C 101 1.00 24.70 12.17
CA GLY C 101 0.60 23.32 12.11
C GLY C 101 1.37 22.45 13.10
N THR C 102 0.76 21.33 13.45
CA THR C 102 1.33 20.42 14.44
C THR C 102 2.03 19.25 13.76
N TYR C 103 3.09 18.76 14.40
CA TYR C 103 3.93 17.66 13.91
C TYR C 103 4.47 18.09 12.54
N CYS C 104 4.41 17.24 11.51
CA CYS C 104 4.93 17.64 10.21
C CYS C 104 4.09 18.70 9.51
N SER C 105 2.87 18.97 9.97
CA SER C 105 2.09 20.10 9.48
C SER C 105 1.86 20.04 7.97
N GLY C 106 1.65 18.83 7.45
CA GLY C 106 1.25 18.65 6.08
C GLY C 106 2.32 18.17 5.12
N GLY C 107 3.60 18.33 5.45
CA GLY C 107 4.64 17.74 4.62
C GLY C 107 6.05 17.84 5.16
N SER C 108 6.74 16.70 5.22
CA SER C 108 8.16 16.60 5.56
C SER C 108 8.56 17.43 6.77
N CYS C 109 7.62 17.67 7.69
CA CYS C 109 7.84 18.49 8.87
C CYS C 109 8.46 19.85 8.54
N TYR C 110 8.04 20.44 7.42
CA TYR C 110 8.34 21.82 7.09
C TYR C 110 7.07 22.51 6.63
N SER C 111 6.84 23.72 7.13
CA SER C 111 5.65 24.48 6.80
C SER C 111 5.96 25.97 7.00
N GLY C 112 4.97 26.82 6.75
CA GLY C 112 5.16 28.24 6.91
C GLY C 112 5.34 28.64 8.36
N LEU C 113 6.04 29.75 8.55
CA LEU C 113 6.39 30.24 9.88
C LEU C 113 5.28 31.18 10.35
N ASP C 114 4.53 30.73 11.37
CA ASP C 114 3.37 31.47 11.85
C ASP C 114 3.71 32.51 12.90
N TYR C 115 4.62 32.21 13.83
CA TYR C 115 4.94 33.14 14.91
C TYR C 115 6.42 33.45 14.90
N TRP C 116 6.75 34.72 15.12
CA TRP C 116 8.13 35.20 15.10
C TRP C 116 8.44 35.94 16.39
N GLY C 117 9.72 35.90 16.78
CA GLY C 117 10.19 36.72 17.86
C GLY C 117 10.59 38.11 17.40
N GLN C 118 11.03 38.92 18.37
CA GLN C 118 11.47 40.27 18.06
C GLN C 118 12.91 40.34 17.55
N GLY C 119 13.68 39.27 17.74
CA GLY C 119 15.02 39.19 17.20
C GLY C 119 16.06 39.83 18.11
N THR C 120 17.30 39.33 17.99
CA THR C 120 18.44 39.85 18.72
C THR C 120 19.56 40.20 17.76
N LEU C 121 20.24 41.31 18.03
CA LEU C 121 21.33 41.78 17.18
C LEU C 121 22.65 41.15 17.62
N VAL C 122 23.36 40.54 16.68
CA VAL C 122 24.65 39.93 16.93
C VAL C 122 25.66 40.60 16.01
N THR C 123 26.73 41.13 16.60
CA THR C 123 27.76 41.87 15.87
C THR C 123 29.10 41.22 16.10
N VAL C 124 29.83 40.97 15.00
CA VAL C 124 31.17 40.41 15.05
C VAL C 124 32.11 41.46 14.48
N SER C 125 33.05 41.92 15.30
CA SER C 125 33.97 42.96 14.88
C SER C 125 35.22 42.90 15.75
N SER C 126 36.28 43.58 15.28
CA SER C 126 37.52 43.64 16.04
C SER C 126 37.67 44.96 16.78
N ALA C 127 37.03 46.01 16.26
CA ALA C 127 37.16 47.34 16.84
C ALA C 127 36.54 47.41 18.22
N SER C 128 37.14 48.22 19.10
CA SER C 128 36.63 48.42 20.45
C SER C 128 35.70 49.63 20.49
N THR C 129 35.34 50.07 21.70
CA THR C 129 34.46 51.22 21.89
C THR C 129 35.29 52.49 21.79
N LYS C 130 34.87 53.41 20.93
CA LYS C 130 35.56 54.67 20.72
C LYS C 130 34.55 55.81 20.71
N GLY C 131 34.97 56.97 21.20
CA GLY C 131 34.11 58.14 21.22
C GLY C 131 33.94 58.76 19.85
N PRO C 132 32.78 59.35 19.60
CA PRO C 132 32.51 59.95 18.30
C PRO C 132 33.21 61.29 18.13
N SER C 133 33.57 61.58 16.87
CA SER C 133 34.15 62.86 16.50
C SER C 133 33.15 63.64 15.67
N VAL C 134 32.96 64.91 16.01
CA VAL C 134 31.96 65.76 15.38
C VAL C 134 32.67 66.80 14.54
N PHE C 135 32.23 66.97 13.30
CA PHE C 135 32.75 67.98 12.40
C PHE C 135 31.60 68.80 11.80
N PRO C 136 31.83 70.07 11.51
CA PRO C 136 30.76 70.91 10.97
C PRO C 136 30.72 70.90 9.44
N LEU C 137 29.53 71.17 8.91
CA LEU C 137 29.31 71.36 7.48
C LEU C 137 28.51 72.64 7.35
N ALA C 138 29.21 73.74 7.09
CA ALA C 138 28.58 75.05 7.03
C ALA C 138 28.07 75.33 5.61
N PRO C 139 27.00 76.12 5.47
CA PRO C 139 26.51 76.44 4.13
C PRO C 139 27.46 77.37 3.40
N SER C 140 27.40 77.31 2.06
CA SER C 140 28.24 78.13 1.22
C SER C 140 27.43 78.79 0.11
N THR C 148 17.66 79.62 -0.12
CA THR C 148 17.78 78.72 1.03
C THR C 148 19.19 78.18 1.17
N ALA C 149 19.51 77.64 2.34
CA ALA C 149 20.82 77.09 2.62
C ALA C 149 20.67 75.81 3.42
N ALA C 150 21.70 74.96 3.37
CA ALA C 150 21.73 73.70 4.08
C ALA C 150 23.03 73.58 4.87
N LEU C 151 22.93 73.06 6.10
CA LEU C 151 24.10 72.86 6.93
C LEU C 151 23.91 71.56 7.71
N GLY C 152 24.95 71.15 8.43
CA GLY C 152 24.83 69.90 9.15
C GLY C 152 26.06 69.57 9.97
N CYS C 153 26.02 68.38 10.58
CA CYS C 153 27.09 67.88 11.42
C CYS C 153 27.40 66.45 11.03
N LEU C 154 28.70 66.14 10.92
CA LEU C 154 29.18 64.81 10.55
C LEU C 154 29.74 64.14 11.80
N VAL C 155 29.20 62.97 12.14
CA VAL C 155 29.68 62.17 13.25
C VAL C 155 30.48 61.02 12.65
N LYS C 156 31.70 60.84 13.12
CA LYS C 156 32.62 59.86 12.56
C LYS C 156 33.35 59.09 13.65
N ASP C 157 33.71 57.85 13.35
CA ASP C 157 34.58 57.04 14.22
C ASP C 157 33.95 56.80 15.59
N TYR C 158 32.79 56.15 15.58
CA TYR C 158 32.11 55.74 16.80
C TYR C 158 31.69 54.28 16.70
N PHE C 159 31.60 53.63 17.86
CA PHE C 159 31.26 52.22 17.94
C PHE C 159 30.88 51.90 19.38
N PRO C 160 29.80 51.16 19.62
CA PRO C 160 28.88 50.65 18.60
C PRO C 160 27.64 51.51 18.42
N GLU C 161 26.66 50.99 17.69
CA GLU C 161 25.42 51.70 17.48
C GLU C 161 24.62 51.78 18.78
N PRO C 162 23.74 52.77 18.94
CA PRO C 162 23.49 53.90 18.03
C PRO C 162 23.97 55.23 18.58
N VAL C 163 23.79 56.30 17.80
CA VAL C 163 24.08 57.66 18.23
C VAL C 163 22.87 58.53 17.92
N THR C 164 22.50 59.37 18.89
CA THR C 164 21.35 60.24 18.77
C THR C 164 21.80 61.67 18.52
N VAL C 165 21.24 62.28 17.47
CA VAL C 165 21.61 63.64 17.08
C VAL C 165 20.37 64.52 17.18
N SER C 166 20.52 65.66 17.85
CA SER C 166 19.46 66.64 18.01
C SER C 166 19.97 68.01 17.57
N TRP C 167 19.05 68.87 17.16
CA TRP C 167 19.38 70.20 16.69
C TRP C 167 18.86 71.25 17.66
N ASN C 168 19.78 72.07 18.17
CA ASN C 168 19.46 73.15 19.11
C ASN C 168 18.67 72.62 20.31
N SER C 169 19.15 71.51 20.87
CA SER C 169 18.53 70.88 22.04
C SER C 169 17.07 70.52 21.77
N GLY C 170 16.76 70.08 20.55
CA GLY C 170 15.42 69.68 20.18
C GLY C 170 14.51 70.80 19.73
N ALA C 171 14.97 72.05 19.80
CA ALA C 171 14.15 73.18 19.37
C ALA C 171 13.98 73.25 17.86
N LEU C 172 14.90 72.65 17.11
CA LEU C 172 14.87 72.68 15.65
C LEU C 172 14.55 71.28 15.14
N THR C 173 13.38 71.13 14.53
CA THR C 173 12.94 69.84 13.99
C THR C 173 12.51 69.90 12.54
N SER C 174 12.01 71.03 12.06
CA SER C 174 11.59 71.13 10.66
C SER C 174 12.79 71.10 9.74
N GLY C 175 12.72 70.25 8.72
CA GLY C 175 13.80 70.12 7.76
C GLY C 175 15.00 69.34 8.26
N VAL C 176 14.91 68.73 9.43
CA VAL C 176 16.01 67.95 10.00
C VAL C 176 15.98 66.55 9.41
N HIS C 177 17.09 66.14 8.82
CA HIS C 177 17.23 64.81 8.22
C HIS C 177 18.42 64.11 8.85
N THR C 178 18.18 62.96 9.45
CA THR C 178 19.22 62.11 10.03
C THR C 178 19.36 60.87 9.17
N PHE C 179 20.57 60.62 8.67
CA PHE C 179 20.79 59.52 7.76
C PHE C 179 21.25 58.26 8.51
N PRO C 180 20.96 57.08 7.97
CA PRO C 180 21.41 55.84 8.61
C PRO C 180 22.93 55.75 8.63
N ALA C 181 23.43 55.03 9.63
CA ALA C 181 24.87 54.88 9.78
C ALA C 181 25.44 53.96 8.72
N VAL C 182 26.73 54.14 8.43
CA VAL C 182 27.44 53.32 7.46
C VAL C 182 28.73 52.82 8.11
N LEU C 183 29.14 51.62 7.70
CA LEU C 183 30.34 50.98 8.26
C LEU C 183 31.53 51.26 7.35
N GLN C 184 32.61 51.76 7.93
CA GLN C 184 33.81 52.05 7.17
C GLN C 184 34.75 50.84 7.18
N SER C 185 35.76 50.90 6.31
CA SER C 185 36.74 49.82 6.22
C SER C 185 37.59 49.69 7.47
N SER C 186 37.68 50.75 8.28
CA SER C 186 38.47 50.70 9.50
C SER C 186 37.74 50.01 10.65
N GLY C 187 36.45 49.72 10.49
CA GLY C 187 35.68 49.08 11.54
C GLY C 187 34.86 50.01 12.41
N LEU C 188 34.77 51.28 12.05
CA LEU C 188 34.00 52.26 12.80
C LEU C 188 32.84 52.79 11.96
N TYR C 189 31.92 53.48 12.61
CA TYR C 189 30.72 53.96 11.95
C TYR C 189 30.75 55.48 11.80
N SER C 190 29.95 55.97 10.85
CA SER C 190 29.85 57.40 10.59
C SER C 190 28.50 57.70 9.96
N LEU C 191 27.98 58.89 10.27
CA LEU C 191 26.75 59.39 9.65
C LEU C 191 26.80 60.91 9.61
N SER C 192 25.78 61.50 8.98
CA SER C 192 25.65 62.93 8.89
C SER C 192 24.19 63.33 9.12
N SER C 193 24.00 64.33 9.98
CA SER C 193 22.67 64.85 10.27
C SER C 193 22.61 66.31 9.85
N VAL C 194 21.63 66.66 9.02
CA VAL C 194 21.61 67.95 8.35
C VAL C 194 20.26 68.63 8.56
N VAL C 195 20.24 69.92 8.26
CA VAL C 195 19.04 70.74 8.36
C VAL C 195 19.14 71.87 7.33
N THR C 196 17.99 72.20 6.73
CA THR C 196 17.90 73.28 5.76
C THR C 196 17.19 74.47 6.39
N VAL C 197 17.81 75.64 6.29
CA VAL C 197 17.27 76.87 6.86
C VAL C 197 17.32 77.96 5.81
N PRO C 198 16.42 78.95 5.92
CA PRO C 198 16.49 80.10 5.01
C PRO C 198 17.80 80.85 5.15
N SER C 199 18.26 81.42 4.04
CA SER C 199 19.53 82.15 4.04
C SER C 199 19.45 83.41 4.90
N SER C 200 18.25 83.93 5.14
CA SER C 200 18.11 85.12 5.97
C SER C 200 18.53 84.86 7.40
N SER C 201 18.28 83.66 7.92
CA SER C 201 18.64 83.31 9.29
C SER C 201 20.16 83.21 9.50
N LEU C 202 20.93 83.15 8.42
CA LEU C 202 22.38 83.06 8.55
C LEU C 202 22.94 84.32 9.20
N GLY C 203 23.89 84.13 10.12
CA GLY C 203 24.52 85.21 10.84
C GLY C 203 23.74 85.71 12.05
N THR C 204 22.41 85.59 12.02
CA THR C 204 21.58 86.03 13.14
C THR C 204 21.24 84.88 14.09
N GLN C 205 20.87 83.72 13.54
CA GLN C 205 20.51 82.56 14.33
C GLN C 205 21.71 81.64 14.50
N THR C 206 21.92 81.17 15.73
CA THR C 206 23.01 80.25 16.03
C THR C 206 22.49 78.82 16.05
N TYR C 207 23.18 77.93 15.34
CA TYR C 207 22.79 76.53 15.23
C TYR C 207 23.83 75.68 15.95
N ILE C 208 23.37 74.83 16.85
CA ILE C 208 24.21 73.92 17.60
C ILE C 208 23.62 72.52 17.52
N CYS C 209 24.44 71.54 17.14
CA CYS C 209 24.03 70.15 17.07
C CYS C 209 24.60 69.39 18.26
N ASN C 210 23.75 68.54 18.86
CA ASN C 210 24.10 67.74 20.03
C ASN C 210 24.14 66.28 19.61
N VAL C 211 25.27 65.62 19.86
CA VAL C 211 25.46 64.21 19.54
C VAL C 211 25.67 63.45 20.84
N ASN C 212 24.84 62.44 21.09
CA ASN C 212 24.89 61.64 22.30
C ASN C 212 25.14 60.19 21.92
N HIS C 213 26.15 59.58 22.55
CA HIS C 213 26.50 58.18 22.37
C HIS C 213 26.36 57.52 23.74
N LYS C 214 25.29 56.75 23.92
CA LYS C 214 24.97 56.10 25.17
C LYS C 214 26.02 55.06 25.59
N PRO C 215 26.48 54.17 24.70
CA PRO C 215 27.50 53.20 25.14
C PRO C 215 28.76 53.85 25.69
N SER C 216 29.21 54.96 25.12
CA SER C 216 30.32 55.73 25.66
C SER C 216 29.86 56.83 26.61
N ASN C 217 28.55 57.06 26.71
CA ASN C 217 27.99 58.12 27.56
C ASN C 217 28.62 59.46 27.26
N THR C 218 28.82 59.75 25.97
CA THR C 218 29.52 60.94 25.53
C THR C 218 28.55 61.89 24.83
N LYS C 219 28.49 63.12 25.31
CA LYS C 219 27.66 64.16 24.71
C LYS C 219 28.55 65.29 24.20
N VAL C 220 28.42 65.61 22.92
CA VAL C 220 29.23 66.63 22.28
C VAL C 220 28.31 67.66 21.63
N ASP C 221 28.56 68.94 21.90
CA ASP C 221 27.80 70.03 21.31
C ASP C 221 28.72 70.81 20.37
N LYS C 222 28.30 70.95 19.11
CA LYS C 222 29.10 71.62 18.10
C LYS C 222 28.28 72.72 17.45
N ARG C 223 28.84 73.93 17.40
CA ARG C 223 28.15 75.05 16.77
C ARG C 223 28.59 75.21 15.33
N VAL C 224 27.64 75.52 14.46
CA VAL C 224 27.90 75.70 13.04
C VAL C 224 28.04 77.19 12.76
N GLU C 225 29.17 77.59 12.20
CA GLU C 225 29.43 78.99 11.87
C GLU C 225 29.68 79.13 10.36
N PRO C 226 29.16 80.21 9.75
CA PRO C 226 29.33 80.46 8.32
C PRO C 226 30.79 80.57 7.89
N ASP D 1 20.51 22.74 -4.69
CA ASP D 1 19.57 23.56 -3.93
C ASP D 1 18.52 24.17 -4.84
N ILE D 2 17.59 24.92 -4.25
CA ILE D 2 16.52 25.58 -4.97
C ILE D 2 16.68 27.09 -4.78
N GLN D 3 16.69 27.83 -5.87
CA GLN D 3 16.83 29.27 -5.83
C GLN D 3 15.49 29.93 -6.11
N MET D 4 15.15 30.93 -5.29
CA MET D 4 13.88 31.64 -5.39
C MET D 4 14.16 33.06 -5.85
N THR D 5 13.56 33.46 -6.97
CA THR D 5 13.84 34.74 -7.60
C THR D 5 12.61 35.63 -7.54
N GLN D 6 12.81 36.90 -7.15
CA GLN D 6 11.75 37.89 -7.12
C GLN D 6 12.20 39.10 -7.94
N SER D 7 11.54 39.33 -9.07
CA SER D 7 11.78 40.50 -9.89
C SER D 7 10.45 41.15 -10.20
N PRO D 8 10.34 42.49 -10.14
CA PRO D 8 11.39 43.42 -9.76
C PRO D 8 11.64 43.47 -8.26
N SER D 9 12.72 44.16 -7.86
CA SER D 9 13.07 44.29 -6.45
C SER D 9 12.38 45.46 -5.77
N SER D 10 11.59 46.25 -6.51
CA SER D 10 10.88 47.38 -5.94
C SER D 10 9.59 47.60 -6.71
N LEU D 11 8.66 48.30 -6.07
CA LEU D 11 7.37 48.58 -6.68
C LEU D 11 6.81 49.87 -6.10
N SER D 12 6.16 50.66 -6.95
CA SER D 12 5.51 51.91 -6.55
C SER D 12 4.04 51.84 -6.94
N ALA D 13 3.17 52.24 -6.02
CA ALA D 13 1.74 52.17 -6.27
C ALA D 13 1.03 53.27 -5.50
N SER D 14 -0.19 53.59 -5.94
CA SER D 14 -1.02 54.60 -5.33
C SER D 14 -2.28 53.96 -4.76
N VAL D 15 -2.82 54.59 -3.71
CA VAL D 15 -3.95 54.02 -2.99
C VAL D 15 -5.13 53.84 -3.92
N GLY D 16 -5.76 52.67 -3.86
CA GLY D 16 -6.91 52.35 -4.67
C GLY D 16 -6.65 51.45 -5.86
N ASP D 17 -5.38 51.18 -6.18
CA ASP D 17 -5.02 50.36 -7.31
C ASP D 17 -5.04 48.88 -6.96
N ARG D 18 -4.50 48.07 -7.86
CA ARG D 18 -4.36 46.64 -7.67
C ARG D 18 -2.89 46.27 -7.78
N VAL D 19 -2.39 45.49 -6.83
CA VAL D 19 -0.97 45.17 -6.73
C VAL D 19 -0.80 43.66 -6.86
N THR D 20 0.15 43.25 -7.70
CA THR D 20 0.45 41.84 -7.94
C THR D 20 1.94 41.61 -7.79
N ILE D 21 2.31 40.57 -7.03
CA ILE D 21 3.69 40.21 -6.77
C ILE D 21 3.91 38.78 -7.23
N THR D 22 5.06 38.52 -7.86
CA THR D 22 5.36 37.22 -8.44
C THR D 22 6.61 36.63 -7.81
N CYS D 23 6.55 35.34 -7.49
CA CYS D 23 7.70 34.59 -7.00
C CYS D 23 7.96 33.41 -7.92
N ARG D 24 9.23 33.12 -8.15
CA ARG D 24 9.66 32.08 -9.07
C ARG D 24 10.63 31.14 -8.37
N ALA D 25 10.69 29.90 -8.86
CA ALA D 25 11.54 28.86 -8.31
C ALA D 25 12.35 28.21 -9.44
N SER D 26 13.29 27.36 -9.04
CA SER D 26 14.14 26.64 -9.99
C SER D 26 13.79 25.18 -10.14
N GLN D 27 13.11 24.57 -9.16
CA GLN D 27 12.66 23.19 -9.26
C GLN D 27 11.17 23.12 -8.96
N SER D 28 10.63 21.91 -8.83
CA SER D 28 9.22 21.72 -8.51
C SER D 28 9.07 21.60 -7.00
N ILE D 29 8.24 22.46 -6.41
CA ILE D 29 7.99 22.46 -4.98
C ILE D 29 6.52 22.24 -4.64
N SER D 30 5.69 21.96 -5.65
CA SER D 30 4.25 21.73 -5.51
C SER D 30 3.64 22.97 -4.86
N SER D 31 3.00 22.87 -3.70
CA SER D 31 2.30 24.00 -3.09
C SER D 31 2.90 24.39 -1.75
N TYR D 32 4.20 24.15 -1.56
CA TYR D 32 4.88 24.49 -0.31
C TYR D 32 5.57 25.85 -0.45
N LEU D 33 4.75 26.90 -0.50
CA LEU D 33 5.24 28.26 -0.55
C LEU D 33 4.51 29.11 0.48
N ASN D 34 5.20 30.11 1.02
CA ASN D 34 4.64 30.99 2.02
C ASN D 34 4.98 32.44 1.67
N TRP D 35 4.08 33.34 2.04
CA TRP D 35 4.21 34.77 1.79
C TRP D 35 4.26 35.53 3.11
N TYR D 36 5.24 36.43 3.23
CA TYR D 36 5.45 37.20 4.44
C TYR D 36 5.48 38.69 4.14
N GLN D 37 4.98 39.48 5.07
CA GLN D 37 5.10 40.94 5.07
C GLN D 37 6.23 41.33 6.02
N GLN D 38 6.69 42.58 5.92
CA GLN D 38 7.58 43.14 6.93
C GLN D 38 7.62 44.65 6.79
N LYS D 39 7.27 45.37 7.87
CA LYS D 39 7.48 46.79 8.02
C LYS D 39 8.84 47.05 8.66
N PRO D 40 9.45 48.21 8.40
CA PRO D 40 10.80 48.46 8.92
C PRO D 40 10.86 48.38 10.44
N GLY D 41 11.90 47.73 10.94
CA GLY D 41 12.10 47.63 12.37
C GLY D 41 11.09 46.79 13.12
N LYS D 42 10.44 45.85 12.43
CA LYS D 42 9.41 45.03 13.06
C LYS D 42 9.52 43.60 12.56
N ALA D 43 8.90 42.69 13.31
CA ALA D 43 8.90 41.28 12.94
C ALA D 43 8.08 41.06 11.67
N PRO D 44 8.44 40.07 10.86
CA PRO D 44 7.75 39.87 9.57
C PRO D 44 6.27 39.53 9.66
N LYS D 45 5.93 38.46 10.39
CA LYS D 45 4.62 37.81 10.50
C LYS D 45 4.18 37.23 9.16
N LEU D 46 3.29 36.24 9.20
CA LEU D 46 2.90 35.47 8.02
C LEU D 46 1.58 35.97 7.44
N LEU D 47 1.50 35.98 6.11
CA LEU D 47 0.29 36.38 5.39
C LEU D 47 -0.43 35.18 4.78
N ILE D 48 0.24 34.40 3.96
CA ILE D 48 -0.37 33.28 3.26
C ILE D 48 0.56 32.07 3.36
N TYR D 49 0.01 30.92 3.73
CA TYR D 49 0.74 29.66 3.75
C TYR D 49 0.08 28.69 2.77
N ALA D 50 0.83 27.64 2.44
CA ALA D 50 0.43 26.64 1.44
C ALA D 50 0.18 27.26 0.07
N ALA D 51 0.65 28.50 -0.13
CA ALA D 51 0.61 29.23 -1.38
C ALA D 51 -0.79 29.68 -1.78
N SER D 52 -1.82 29.23 -1.06
CA SER D 52 -3.17 29.65 -1.35
C SER D 52 -4.06 29.85 -0.13
N SER D 53 -3.54 29.70 1.09
CA SER D 53 -4.34 29.74 2.29
C SER D 53 -4.01 30.98 3.10
N LEU D 54 -5.04 31.73 3.49
CA LEU D 54 -4.85 32.94 4.26
C LEU D 54 -4.66 32.64 5.73
N GLN D 55 -4.32 33.68 6.49
CA GLN D 55 -4.09 33.56 7.93
C GLN D 55 -5.27 34.14 8.70
N SER D 56 -5.34 33.79 9.98
CA SER D 56 -6.39 34.34 10.83
C SER D 56 -6.04 35.76 11.27
N GLY D 57 -6.96 36.69 11.03
CA GLY D 57 -6.80 38.07 11.43
C GLY D 57 -6.37 39.02 10.33
N VAL D 58 -5.82 38.49 9.23
CA VAL D 58 -5.42 39.36 8.12
C VAL D 58 -6.66 39.85 7.40
N PRO D 59 -6.69 41.09 6.90
CA PRO D 59 -7.85 41.54 6.11
C PRO D 59 -8.08 40.66 4.90
N SER D 60 -9.35 40.41 4.60
CA SER D 60 -9.72 39.45 3.56
C SER D 60 -9.66 40.07 2.18
N ARG D 61 -8.51 40.65 1.82
CA ARG D 61 -8.28 41.13 0.47
C ARG D 61 -7.05 40.53 -0.19
N PHE D 62 -6.16 39.89 0.56
CA PHE D 62 -4.99 39.25 -0.01
C PHE D 62 -5.39 37.90 -0.59
N SER D 63 -4.91 37.59 -1.79
CA SER D 63 -5.23 36.32 -2.43
C SER D 63 -3.98 35.76 -3.10
N GLY D 64 -3.63 34.54 -2.74
CA GLY D 64 -2.47 33.88 -3.32
C GLY D 64 -2.89 32.74 -4.22
N SER D 65 -2.14 32.55 -5.30
CA SER D 65 -2.45 31.49 -6.26
C SER D 65 -1.18 31.03 -6.94
N GLY D 66 -1.27 29.86 -7.58
CA GLY D 66 -0.15 29.31 -8.30
C GLY D 66 0.30 27.96 -7.77
N SER D 67 0.92 27.16 -8.63
CA SER D 67 1.47 25.87 -8.25
C SER D 67 2.63 25.53 -9.17
N GLY D 68 3.51 24.66 -8.70
CA GLY D 68 4.65 24.23 -9.49
C GLY D 68 5.90 25.07 -9.27
N THR D 69 6.16 26.01 -10.18
CA THR D 69 7.36 26.83 -10.12
C THR D 69 7.09 28.33 -10.07
N ASP D 70 5.89 28.78 -10.42
CA ASP D 70 5.55 30.20 -10.42
C ASP D 70 4.35 30.43 -9.53
N PHE D 71 4.41 31.49 -8.71
CA PHE D 71 3.34 31.81 -7.79
C PHE D 71 3.09 33.31 -7.81
N THR D 72 1.86 33.71 -7.49
CA THR D 72 1.49 35.12 -7.51
C THR D 72 0.63 35.44 -6.29
N LEU D 73 0.70 36.71 -5.88
CA LEU D 73 -0.05 37.24 -4.77
C LEU D 73 -0.69 38.55 -5.19
N THR D 74 -1.94 38.77 -4.76
CA THR D 74 -2.73 39.92 -5.15
C THR D 74 -3.26 40.63 -3.92
N ILE D 75 -3.23 41.97 -3.97
CA ILE D 75 -3.60 42.82 -2.84
C ILE D 75 -5.03 43.33 -2.98
N SER D 76 -5.37 43.86 -4.16
CA SER D 76 -6.72 44.24 -4.56
C SER D 76 -7.24 45.50 -3.88
N SER D 77 -6.49 46.03 -2.91
CA SER D 77 -6.88 47.28 -2.24
C SER D 77 -5.68 47.77 -1.42
N LEU D 78 -5.35 49.04 -1.57
CA LEU D 78 -4.22 49.62 -0.85
C LEU D 78 -4.72 50.47 0.31
N GLN D 79 -4.09 50.32 1.46
CA GLN D 79 -4.42 51.04 2.68
C GLN D 79 -3.17 51.70 3.25
N PRO D 80 -3.34 52.70 4.11
CA PRO D 80 -2.16 53.34 4.74
C PRO D 80 -1.28 52.36 5.50
N GLU D 81 -1.84 51.27 6.02
CA GLU D 81 -1.08 50.26 6.73
C GLU D 81 -0.61 49.13 5.83
N ASP D 82 -0.84 49.23 4.52
CA ASP D 82 -0.48 48.18 3.56
C ASP D 82 0.78 48.55 2.78
N PHE D 83 1.74 49.18 3.44
CA PHE D 83 2.98 49.63 2.81
C PHE D 83 4.15 48.99 3.54
N ALA D 84 4.75 47.98 2.93
CA ALA D 84 5.82 47.20 3.55
C ALA D 84 6.58 46.47 2.46
N THR D 85 7.47 45.56 2.86
CA THR D 85 8.23 44.73 1.94
C THR D 85 7.79 43.28 2.09
N TYR D 86 7.69 42.57 0.96
CA TYR D 86 7.10 41.24 0.93
C TYR D 86 8.13 40.20 0.49
N TYR D 87 8.03 39.00 1.05
CA TYR D 87 8.96 37.92 0.79
C TYR D 87 8.21 36.63 0.52
N CYS D 88 8.85 35.73 -0.23
CA CYS D 88 8.33 34.40 -0.50
C CYS D 88 9.35 33.36 -0.06
N GLN D 89 8.87 32.29 0.58
CA GLN D 89 9.71 31.22 1.10
C GLN D 89 9.20 29.87 0.63
N GLN D 90 10.13 29.01 0.23
CA GLN D 90 9.82 27.62 -0.12
C GLN D 90 10.03 26.74 1.10
N SER D 91 9.18 25.73 1.24
CA SER D 91 9.23 24.80 2.36
C SER D 91 9.12 23.36 1.87
N TYR D 92 9.78 23.05 0.76
CA TYR D 92 9.75 21.71 0.20
C TYR D 92 10.86 20.83 0.76
N SER D 93 12.10 21.28 0.67
CA SER D 93 13.23 20.50 1.17
C SER D 93 14.34 21.44 1.61
N THR D 94 15.20 20.92 2.48
CA THR D 94 16.33 21.69 2.98
C THR D 94 17.44 21.78 1.94
N PRO D 95 18.16 22.91 1.88
CA PRO D 95 17.93 24.10 2.70
C PRO D 95 16.77 24.95 2.22
N LEU D 96 15.98 25.49 3.15
CA LEU D 96 14.89 26.36 2.80
C LEU D 96 15.42 27.75 2.45
N THR D 97 14.93 28.30 1.35
CA THR D 97 15.48 29.52 0.78
C THR D 97 14.43 30.60 0.71
N PHE D 98 14.81 31.82 1.08
CA PHE D 98 13.98 33.00 0.95
C PHE D 98 14.21 33.66 -0.40
N GLY D 99 13.42 34.71 -0.66
CA GLY D 99 13.59 35.51 -1.85
C GLY D 99 14.35 36.80 -1.58
N GLY D 100 14.60 37.54 -2.66
CA GLY D 100 15.29 38.80 -2.52
C GLY D 100 14.49 39.84 -1.77
N GLY D 101 13.20 39.92 -2.05
CA GLY D 101 12.35 40.89 -1.41
C GLY D 101 11.89 41.97 -2.37
N ILE D 102 10.63 42.35 -2.24
CA ILE D 102 10.05 43.42 -3.06
C ILE D 102 9.44 44.46 -2.12
N LYS D 103 9.61 45.73 -2.46
CA LYS D 103 9.18 46.84 -1.62
C LYS D 103 8.11 47.65 -2.33
N VAL D 104 7.03 47.96 -1.62
CA VAL D 104 5.93 48.76 -2.14
C VAL D 104 6.09 50.18 -1.63
N ASP D 105 6.16 51.15 -2.55
CA ASP D 105 6.34 52.55 -2.21
C ASP D 105 5.17 53.36 -2.75
N ILE D 106 5.23 54.68 -2.57
CA ILE D 106 4.14 55.57 -2.94
C ILE D 106 4.48 56.23 -4.26
N LYS D 107 3.54 56.20 -5.20
CA LYS D 107 3.74 56.85 -6.49
C LYS D 107 3.58 58.36 -6.34
N ARG D 108 4.45 59.12 -6.99
CA ARG D 108 4.42 60.57 -6.89
C ARG D 108 5.05 61.16 -8.15
N THR D 109 4.70 62.42 -8.42
CA THR D 109 5.26 63.17 -9.54
C THR D 109 6.76 63.36 -9.33
N VAL D 110 7.52 63.25 -10.42
CA VAL D 110 8.98 63.35 -10.38
C VAL D 110 9.39 64.73 -9.88
N ALA D 111 10.22 64.76 -8.85
CA ALA D 111 10.72 66.01 -8.28
C ALA D 111 12.24 65.99 -8.26
N ALA D 112 12.85 67.07 -8.75
CA ALA D 112 14.31 67.15 -8.83
C ALA D 112 14.91 67.39 -7.44
N PRO D 113 16.08 66.81 -7.17
CA PRO D 113 16.73 67.02 -5.87
C PRO D 113 17.43 68.37 -5.80
N SER D 114 17.63 68.85 -4.58
CA SER D 114 18.49 69.99 -4.33
C SER D 114 19.87 69.46 -3.90
N VAL D 115 20.92 69.97 -4.53
CA VAL D 115 22.27 69.43 -4.37
C VAL D 115 23.12 70.44 -3.61
N PHE D 116 23.80 69.98 -2.57
CA PHE D 116 24.72 70.80 -1.80
C PHE D 116 26.05 70.07 -1.64
N ILE D 117 27.11 70.84 -1.43
CA ILE D 117 28.45 70.30 -1.25
C ILE D 117 29.08 70.95 -0.03
N PHE D 118 29.95 70.20 0.65
CA PHE D 118 30.61 70.67 1.86
C PHE D 118 32.05 70.18 1.86
N PRO D 119 33.03 71.07 1.75
CA PRO D 119 34.44 70.67 1.87
C PRO D 119 34.80 70.39 3.32
N PRO D 120 35.87 69.64 3.57
CA PRO D 120 36.26 69.35 4.94
C PRO D 120 36.67 70.61 5.70
N SER D 121 36.35 70.63 6.98
CA SER D 121 36.76 71.72 7.85
C SER D 121 38.22 71.58 8.23
N ASP D 122 38.81 72.70 8.66
CA ASP D 122 40.21 72.68 9.08
C ASP D 122 40.40 71.82 10.32
N GLU D 123 39.37 71.73 11.17
CA GLU D 123 39.47 70.91 12.37
C GLU D 123 39.72 69.44 12.02
N GLN D 124 38.99 68.93 11.01
CA GLN D 124 39.24 67.57 10.56
C GLN D 124 40.56 67.46 9.83
N LEU D 125 40.96 68.52 9.13
CA LEU D 125 42.24 68.50 8.41
C LEU D 125 43.42 68.40 9.38
N LYS D 126 43.28 68.96 10.59
CA LYS D 126 44.35 68.85 11.58
C LYS D 126 44.61 67.40 11.98
N SER D 127 43.63 66.53 11.88
CA SER D 127 43.82 65.12 12.23
C SER D 127 44.48 64.33 11.11
N GLY D 128 44.56 64.88 9.90
CA GLY D 128 45.19 64.20 8.78
C GLY D 128 44.26 63.53 7.81
N THR D 129 42.95 63.67 7.97
CA THR D 129 41.97 63.07 7.08
C THR D 129 40.99 64.12 6.60
N ALA D 130 40.65 64.06 5.32
CA ALA D 130 39.73 65.02 4.70
C ALA D 130 38.49 64.28 4.22
N SER D 131 37.33 64.78 4.62
CA SER D 131 36.04 64.22 4.20
C SER D 131 35.23 65.28 3.48
N VAL D 132 34.74 64.95 2.29
CA VAL D 132 33.94 65.84 1.47
C VAL D 132 32.52 65.28 1.41
N VAL D 133 31.53 66.14 1.61
CA VAL D 133 30.14 65.71 1.74
C VAL D 133 29.35 66.22 0.54
N CYS D 134 28.55 65.36 -0.07
CA CYS D 134 27.63 65.71 -1.14
C CYS D 134 26.23 65.31 -0.71
N LEU D 135 25.27 66.23 -0.82
CA LEU D 135 23.94 66.04 -0.26
C LEU D 135 22.90 66.24 -1.34
N LEU D 136 21.92 65.33 -1.39
CA LEU D 136 20.74 65.44 -2.25
C LEU D 136 19.51 65.47 -1.35
N ASN D 137 18.64 66.46 -1.56
CA ASN D 137 17.48 66.67 -0.71
C ASN D 137 16.20 66.69 -1.53
N ASN D 138 15.17 66.01 -1.03
CA ASN D 138 13.81 66.10 -1.53
C ASN D 138 13.71 65.73 -3.01
N PHE D 139 13.98 64.46 -3.29
CA PHE D 139 13.89 63.93 -4.64
C PHE D 139 12.97 62.71 -4.67
N TYR D 140 12.75 62.21 -5.90
CA TYR D 140 11.92 61.06 -6.18
C TYR D 140 12.17 60.64 -7.61
N PRO D 141 12.31 59.34 -7.92
CA PRO D 141 12.27 58.22 -6.97
C PRO D 141 13.59 57.97 -6.27
N ARG D 142 13.75 56.77 -5.71
CA ARG D 142 14.94 56.46 -4.94
C ARG D 142 16.18 56.33 -5.82
N GLU D 143 16.00 55.89 -7.06
CA GLU D 143 17.14 55.63 -7.94
C GLU D 143 17.87 56.93 -8.28
N ALA D 144 19.18 56.92 -8.10
CA ALA D 144 20.03 58.06 -8.41
C ALA D 144 21.47 57.58 -8.54
N LYS D 145 22.31 58.42 -9.16
CA LYS D 145 23.71 58.10 -9.35
C LYS D 145 24.57 59.26 -8.86
N VAL D 146 25.62 58.95 -8.12
CA VAL D 146 26.54 59.93 -7.57
C VAL D 146 27.97 59.53 -7.93
N GLN D 147 28.75 60.48 -8.42
CA GLN D 147 30.12 60.24 -8.84
C GLN D 147 31.03 61.31 -8.25
N TRP D 148 32.29 60.95 -7.99
CA TRP D 148 33.28 61.86 -7.42
C TRP D 148 34.43 62.06 -8.40
N LYS D 149 34.81 63.32 -8.61
CA LYS D 149 35.89 63.66 -9.52
C LYS D 149 36.94 64.48 -8.79
N VAL D 150 38.19 64.05 -8.89
CA VAL D 150 39.33 64.78 -8.36
C VAL D 150 40.23 65.11 -9.55
N ASP D 151 40.28 66.39 -9.93
CA ASP D 151 41.04 66.85 -11.09
C ASP D 151 40.70 66.03 -12.33
N ASN D 152 39.41 65.88 -12.60
CA ASN D 152 38.86 65.13 -13.72
C ASN D 152 39.20 63.64 -13.65
N ALA D 153 39.54 63.12 -12.47
CA ALA D 153 39.81 61.70 -12.29
C ALA D 153 38.69 61.08 -11.46
N LEU D 154 38.09 60.01 -11.97
CA LEU D 154 37.00 59.36 -11.27
C LEU D 154 37.50 58.68 -10.00
N GLN D 155 36.73 58.79 -8.92
CA GLN D 155 37.08 58.17 -7.65
C GLN D 155 36.25 56.91 -7.44
N SER D 156 36.94 55.80 -7.20
CA SER D 156 36.28 54.51 -6.98
C SER D 156 36.87 53.84 -5.75
N GLY D 157 36.02 53.29 -4.90
CA GLY D 157 36.46 52.59 -3.71
C GLY D 157 36.80 53.46 -2.52
N ASN D 158 36.51 54.75 -2.58
CA ASN D 158 36.81 55.67 -1.49
C ASN D 158 35.62 56.59 -1.16
N SER D 159 34.42 56.17 -1.54
CA SER D 159 33.21 56.94 -1.28
C SER D 159 32.12 56.01 -0.77
N GLN D 160 31.27 56.54 0.11
CA GLN D 160 30.16 55.78 0.67
C GLN D 160 28.89 56.62 0.68
N GLU D 161 27.76 55.97 0.48
CA GLU D 161 26.48 56.67 0.35
C GLU D 161 25.44 56.05 1.28
N SER D 162 24.46 56.88 1.65
CA SER D 162 23.36 56.47 2.50
C SER D 162 22.08 57.16 2.04
N VAL D 163 20.96 56.47 2.23
CA VAL D 163 19.64 56.96 1.82
C VAL D 163 18.71 56.85 3.01
N THR D 164 17.72 57.75 3.07
CA THR D 164 16.76 57.75 4.17
C THR D 164 15.43 57.18 3.73
N GLU D 165 14.51 57.05 4.69
CA GLU D 165 13.18 56.53 4.42
C GLU D 165 12.25 57.65 3.95
N GLN D 166 11.08 57.25 3.46
CA GLN D 166 10.11 58.21 2.94
C GLN D 166 9.54 59.07 4.06
N ASP D 167 9.43 60.37 3.80
CA ASP D 167 8.83 61.27 4.76
C ASP D 167 7.32 61.12 4.76
N SER D 168 6.71 61.31 5.93
CA SER D 168 5.26 61.14 6.04
C SER D 168 4.52 62.32 5.41
N LYS D 169 5.11 63.52 5.46
CA LYS D 169 4.43 64.72 4.98
C LYS D 169 4.29 64.78 3.47
N ASP D 170 5.35 64.47 2.72
CA ASP D 170 5.33 64.59 1.28
C ASP D 170 6.02 63.45 0.53
N SER D 171 6.41 62.38 1.22
CA SER D 171 7.02 61.20 0.60
C SER D 171 8.30 61.52 -0.16
N THR D 172 9.28 62.11 0.53
CA THR D 172 10.54 62.48 -0.11
C THR D 172 11.66 61.53 0.28
N TYR D 173 12.74 61.57 -0.50
CA TYR D 173 13.97 60.86 -0.22
C TYR D 173 15.12 61.86 -0.09
N SER D 174 16.13 61.46 0.66
CA SER D 174 17.34 62.25 0.84
C SER D 174 18.55 61.33 0.81
N LEU D 175 19.64 61.79 0.19
CA LEU D 175 20.83 60.98 0.01
C LEU D 175 22.05 61.75 0.48
N SER D 176 23.00 61.04 1.08
CA SER D 176 24.27 61.61 1.51
C SER D 176 25.42 60.77 0.97
N SER D 177 26.48 61.44 0.55
CA SER D 177 27.67 60.78 0.04
C SER D 177 28.89 61.40 0.69
N THR D 178 29.83 60.55 1.13
CA THR D 178 31.03 60.99 1.81
C THR D 178 32.24 60.43 1.07
N LEU D 179 33.20 61.31 0.78
CA LEU D 179 34.46 60.93 0.14
C LEU D 179 35.60 61.19 1.13
N THR D 180 36.40 60.16 1.39
CA THR D 180 37.45 60.22 2.40
C THR D 180 38.81 60.11 1.73
N LEU D 181 39.73 61.00 2.10
CA LEU D 181 41.08 61.00 1.56
C LEU D 181 42.08 61.37 2.66
N SER D 182 43.35 61.08 2.39
CA SER D 182 44.40 61.48 3.30
C SER D 182 44.72 62.96 3.13
N LYS D 183 45.37 63.54 4.14
CA LYS D 183 45.72 64.95 4.10
C LYS D 183 46.71 65.24 2.97
N ALA D 184 47.70 64.36 2.80
CA ALA D 184 48.68 64.55 1.73
C ALA D 184 48.01 64.50 0.37
N ASP D 185 47.10 63.53 0.17
CA ASP D 185 46.37 63.45 -1.10
C ASP D 185 45.44 64.64 -1.27
N TYR D 186 44.81 65.10 -0.18
CA TYR D 186 43.91 66.25 -0.27
C TYR D 186 44.66 67.51 -0.69
N GLU D 187 45.85 67.73 -0.12
CA GLU D 187 46.63 68.91 -0.48
C GLU D 187 47.25 68.79 -1.87
N LYS D 188 47.28 67.58 -2.44
CA LYS D 188 47.90 67.36 -3.73
C LYS D 188 47.07 67.89 -4.89
N HIS D 189 45.77 68.07 -4.71
CA HIS D 189 44.88 68.49 -5.78
C HIS D 189 44.11 69.73 -5.36
N LYS D 190 43.49 70.38 -6.34
CA LYS D 190 42.81 71.66 -6.12
C LYS D 190 41.31 71.57 -6.32
N VAL D 191 40.85 70.96 -7.41
CA VAL D 191 39.43 70.96 -7.78
C VAL D 191 38.84 69.61 -7.39
N TYR D 192 37.74 69.65 -6.63
CA TYR D 192 37.00 68.45 -6.25
C TYR D 192 35.54 68.67 -6.62
N ALA D 193 34.94 67.69 -7.30
CA ALA D 193 33.59 67.82 -7.83
C ALA D 193 32.75 66.60 -7.49
N CYS D 194 31.45 66.85 -7.26
CA CYS D 194 30.46 65.80 -7.07
C CYS D 194 29.44 65.92 -8.18
N GLU D 195 29.21 64.82 -8.90
CA GLU D 195 28.29 64.79 -10.04
C GLU D 195 27.08 63.95 -9.67
N VAL D 196 25.89 64.45 -10.00
CA VAL D 196 24.63 63.80 -9.68
C VAL D 196 23.86 63.57 -10.97
N THR D 197 23.41 62.33 -11.17
CA THR D 197 22.53 61.96 -12.27
C THR D 197 21.22 61.44 -11.69
N HIS D 198 20.11 62.01 -12.12
CA HIS D 198 18.81 61.67 -11.57
C HIS D 198 17.74 61.85 -12.63
N GLN D 199 16.61 61.18 -12.42
CA GLN D 199 15.49 61.31 -13.36
C GLN D 199 14.83 62.68 -13.28
N GLY D 200 14.99 63.40 -12.19
CA GLY D 200 14.42 64.73 -12.06
C GLY D 200 15.20 65.82 -12.76
N LEU D 201 16.40 65.51 -13.24
CA LEU D 201 17.23 66.48 -13.95
C LEU D 201 17.45 66.00 -15.38
N SER D 202 17.27 66.90 -16.34
CA SER D 202 17.48 66.56 -17.74
C SER D 202 18.95 66.28 -18.06
N SER D 203 19.87 66.86 -17.29
CA SER D 203 21.30 66.64 -17.49
C SER D 203 21.95 66.49 -16.13
N PRO D 204 23.06 65.76 -16.05
CA PRO D 204 23.75 65.63 -14.76
C PRO D 204 24.22 66.98 -14.24
N VAL D 205 24.15 67.15 -12.92
CA VAL D 205 24.51 68.40 -12.27
C VAL D 205 25.80 68.17 -11.48
N THR D 206 26.82 68.98 -11.74
CA THR D 206 28.11 68.85 -11.09
C THR D 206 28.38 70.08 -10.25
N LYS D 207 28.70 69.86 -8.97
CA LYS D 207 29.10 70.92 -8.06
C LYS D 207 30.56 70.73 -7.69
N SER D 208 31.37 71.76 -7.96
CA SER D 208 32.81 71.66 -7.77
C SER D 208 33.29 72.79 -6.89
N PHE D 209 34.38 72.54 -6.18
CA PHE D 209 35.02 73.55 -5.35
C PHE D 209 36.53 73.44 -5.51
N ASN D 210 37.20 74.58 -5.37
CA ASN D 210 38.65 74.68 -5.53
C ASN D 210 39.29 74.87 -4.15
N ARG D 211 40.36 74.13 -3.90
CA ARG D 211 41.07 74.22 -2.63
C ARG D 211 41.74 75.58 -2.46
#